data_3M6Z
#
_entry.id   3M6Z
#
_cell.length_a   63.640
_cell.length_b   80.110
_cell.length_c   137.220
_cell.angle_alpha   90.00
_cell.angle_beta   90.00
_cell.angle_gamma   90.00
#
_symmetry.space_group_name_H-M   'P 21 21 21'
#
loop_
_entity.id
_entity.type
_entity.pdbx_description
1 polymer 'Topoisomerase V'
2 non-polymer 'PHOSPHATE ION'
3 non-polymer 'MAGNESIUM ION'
4 non-polymer 'CHLORIDE ION'
5 non-polymer GUANIDINE
6 water water
#
_entity_poly.entity_id   1
_entity_poly.type   'polypeptide(L)'
_entity_poly.pdbx_seq_one_letter_code
;MALVYDAEFVGSEREFEEERETFLKGVKAYDGVLATRYLMERSSSAKNDEELLELHQNFILLTGSYACSIDPTEDRYQNV
IVRGVNFDERVQRLSTGGSPARYAIVYRRGWRAIAKALDIDEEDVPAIEVRAVKRNPLQPALYRILVRYGRVDLMPVTVD
EVPPEMAGEFERLIERYDVPIDEKEERILEILRENPWTPHDEIARRLGLSVSEVEGEKDPESSGIYSLWSRVVVNIEYDE
RTAKRHVKRRDRLLEELYEHLEELSERYLRHPLTRRWIVEHKRDIMRRYLEQRIVECALKLQDRYGIREDVALCLARAFD
GSISMIATTPYRTLKDVCPDLTLEEAKSVNRTLATLIDEHGLSPDAADELIEHFESIAGI
;
_entity_poly.pdbx_strand_id   A,B
#
loop_
_chem_comp.id
_chem_comp.type
_chem_comp.name
_chem_comp.formula
CL non-polymer 'CHLORIDE ION' 'Cl -1'
GAI non-polymer GUANIDINE 'C H5 N3'
MG non-polymer 'MAGNESIUM ION' 'Mg 2'
PO4 non-polymer 'PHOSPHATE ION' 'O4 P -3'
#
# COMPACT_ATOMS: atom_id res chain seq x y z
N VAL A 4 -3.48 2.02 -7.65
CA VAL A 4 -3.59 0.56 -7.89
C VAL A 4 -2.20 -0.10 -8.01
N TYR A 5 -1.18 0.61 -7.53
N TYR A 5 -1.19 0.65 -7.58
CA TYR A 5 0.20 0.11 -7.48
CA TYR A 5 0.16 0.15 -7.40
C TYR A 5 0.71 0.32 -6.06
C TYR A 5 0.52 0.43 -5.96
N ASP A 6 0.75 -0.75 -5.26
N ASP A 6 1.00 -0.57 -5.25
CA ASP A 6 1.05 -0.63 -3.82
CA ASP A 6 1.41 -0.35 -3.88
C ASP A 6 2.04 -1.70 -3.32
C ASP A 6 2.05 -1.61 -3.32
N ALA A 7 2.75 -1.41 -2.24
CA ALA A 7 3.51 -2.43 -1.53
C ALA A 7 3.91 -1.83 -0.18
N GLU A 8 4.04 -2.68 0.82
CA GLU A 8 4.53 -2.27 2.12
C GLU A 8 5.94 -2.75 2.33
N PHE A 9 6.80 -1.88 2.81
CA PHE A 9 8.13 -2.29 3.24
C PHE A 9 8.03 -2.79 4.67
N VAL A 10 8.42 -4.05 4.89
CA VAL A 10 8.28 -4.71 6.17
C VAL A 10 9.60 -5.23 6.72
N GLY A 11 10.71 -4.81 6.12
CA GLY A 11 12.03 -5.14 6.62
C GLY A 11 12.46 -4.21 7.73
N SER A 12 13.68 -4.40 8.21
CA SER A 12 14.25 -3.52 9.23
C SER A 12 14.71 -2.19 8.62
N GLU A 13 15.05 -1.22 9.46
CA GLU A 13 15.60 0.06 8.97
C GLU A 13 16.92 -0.16 8.19
N ARG A 14 17.72 -1.12 8.63
N ARG A 14 17.72 -1.11 8.65
CA ARG A 14 18.95 -1.47 7.93
CA ARG A 14 18.95 -1.50 7.95
C ARG A 14 18.63 -1.99 6.52
C ARG A 14 18.62 -1.99 6.53
N GLU A 15 17.64 -2.88 6.45
CA GLU A 15 17.19 -3.41 5.17
C GLU A 15 16.59 -2.31 4.30
N PHE A 16 15.95 -1.32 4.92
CA PHE A 16 15.39 -0.19 4.17
C PHE A 16 16.46 0.60 3.44
N GLU A 17 17.57 0.90 4.10
N GLU A 17 17.54 0.93 4.16
CA GLU A 17 18.62 1.66 3.45
CA GLU A 17 18.70 1.62 3.62
C GLU A 17 19.29 0.80 2.36
C GLU A 17 19.22 0.85 2.40
N GLU A 18 19.40 -0.50 2.59
N GLU A 18 19.35 -0.46 2.56
CA GLU A 18 19.89 -1.41 1.55
CA GLU A 18 19.91 -1.31 1.52
C GLU A 18 19.01 -1.35 0.32
C GLU A 18 19.00 -1.33 0.30
N GLU A 19 17.69 -1.51 0.53
CA GLU A 19 16.75 -1.57 -0.58
C GLU A 19 16.68 -0.24 -1.32
N ARG A 20 16.68 0.87 -0.57
CA ARG A 20 16.65 2.17 -1.21
C ARG A 20 17.86 2.36 -2.08
N GLU A 21 19.03 2.00 -1.56
CA GLU A 21 20.26 2.16 -2.33
C GLU A 21 20.22 1.33 -3.62
N THR A 22 19.80 0.07 -3.50
CA THR A 22 19.70 -0.79 -4.70
C THR A 22 18.73 -0.16 -5.71
N PHE A 23 17.57 0.26 -5.22
CA PHE A 23 16.55 0.78 -6.09
C PHE A 23 17.01 2.06 -6.79
N LEU A 24 17.61 2.98 -6.04
CA LEU A 24 18.06 4.25 -6.61
C LEU A 24 19.17 4.04 -7.64
N LYS A 25 20.05 3.08 -7.40
CA LYS A 25 21.04 2.74 -8.41
C LYS A 25 20.38 2.15 -9.65
N GLY A 26 19.38 1.29 -9.45
CA GLY A 26 18.63 0.74 -10.59
C GLY A 26 17.93 1.81 -11.41
N VAL A 27 17.34 2.80 -10.73
CA VAL A 27 16.70 3.92 -11.39
C VAL A 27 17.71 4.70 -12.23
N LYS A 28 18.89 4.95 -11.66
CA LYS A 28 19.94 5.66 -12.38
C LYS A 28 20.43 4.87 -13.60
N ALA A 29 20.53 3.55 -13.46
CA ALA A 29 20.91 2.70 -14.58
C ALA A 29 19.84 2.75 -15.65
N TYR A 30 18.57 2.67 -15.24
CA TYR A 30 17.50 2.72 -16.24
C TYR A 30 17.41 4.09 -16.91
N ASP A 31 17.69 5.16 -16.17
CA ASP A 31 17.79 6.49 -16.75
C ASP A 31 18.81 6.48 -17.88
N GLY A 32 19.88 5.68 -17.76
CA GLY A 32 20.85 5.56 -18.83
C GLY A 32 20.32 4.85 -20.04
N VAL A 33 19.51 3.83 -19.82
CA VAL A 33 18.79 3.21 -20.94
C VAL A 33 17.93 4.25 -21.66
N LEU A 34 17.16 5.03 -20.90
CA LEU A 34 16.29 6.05 -21.47
C LEU A 34 17.06 7.17 -22.15
N ALA A 35 18.18 7.60 -21.57
CA ALA A 35 18.96 8.72 -22.12
C ALA A 35 19.73 8.32 -23.37
N THR A 36 20.29 7.12 -23.38
CA THR A 36 20.93 6.62 -24.59
C THR A 36 19.90 6.44 -25.71
N ARG A 37 18.71 5.93 -25.39
N ARG A 37 18.73 5.92 -25.37
CA ARG A 37 17.66 5.83 -26.41
CA ARG A 37 17.63 5.83 -26.33
C ARG A 37 17.26 7.21 -26.92
C ARG A 37 17.29 7.20 -26.90
N TYR A 38 17.17 8.19 -26.02
CA TYR A 38 16.88 9.56 -26.41
C TYR A 38 17.85 10.05 -27.49
N LEU A 39 19.13 9.85 -27.25
CA LEU A 39 20.15 10.28 -28.20
C LEU A 39 20.09 9.50 -29.50
N MET A 40 19.90 8.19 -29.39
N MET A 40 19.93 8.18 -29.42
CA MET A 40 19.76 7.32 -30.56
CA MET A 40 19.75 7.37 -30.62
C MET A 40 18.61 7.73 -31.45
C MET A 40 18.64 7.92 -31.49
N GLU A 41 17.51 8.22 -30.86
CA GLU A 41 16.34 8.60 -31.65
C GLU A 41 16.44 10.01 -32.21
N ARG A 42 17.27 10.83 -31.59
N ARG A 42 17.23 10.86 -31.58
CA ARG A 42 17.40 12.23 -31.97
CA ARG A 42 17.37 12.23 -32.05
C ARG A 42 18.43 12.43 -33.07
C ARG A 42 18.34 12.33 -33.21
N SER A 43 19.38 11.51 -33.20
CA SER A 43 20.49 11.64 -34.14
C SER A 43 20.80 10.33 -34.85
N SER A 44 20.70 10.34 -36.17
N SER A 44 20.62 10.26 -36.16
CA SER A 44 21.10 9.22 -37.00
CA SER A 44 20.85 8.99 -36.87
C SER A 44 22.58 8.89 -36.84
C SER A 44 22.31 8.59 -36.80
N SER A 45 23.43 9.90 -36.79
N SER A 45 23.18 9.59 -36.84
CA SER A 45 24.85 9.61 -36.66
CA SER A 45 24.62 9.41 -36.69
C SER A 45 25.16 8.98 -35.29
C SER A 45 24.90 8.73 -35.35
N ALA A 46 24.37 9.31 -34.27
CA ALA A 46 24.52 8.70 -32.95
C ALA A 46 23.99 7.28 -32.93
N LYS A 47 22.83 7.05 -33.53
CA LYS A 47 22.25 5.71 -33.58
C LYS A 47 23.14 4.70 -34.31
N ASN A 48 23.92 5.14 -35.28
N ASN A 48 23.90 5.19 -35.29
CA ASN A 48 24.85 4.24 -35.97
CA ASN A 48 24.86 4.40 -36.06
C ASN A 48 26.27 4.32 -35.39
C ASN A 48 26.16 4.15 -35.27
N ASP A 49 26.40 4.93 -34.22
CA ASP A 49 27.68 5.00 -33.53
C ASP A 49 27.76 3.84 -32.54
N GLU A 50 28.62 2.87 -32.84
N GLU A 50 28.57 2.83 -32.83
CA GLU A 50 28.77 1.67 -32.03
CA GLU A 50 28.66 1.65 -31.97
C GLU A 50 29.11 1.98 -30.58
C GLU A 50 29.15 1.95 -30.56
N GLU A 51 29.83 3.07 -30.36
CA GLU A 51 30.19 3.47 -29.03
C GLU A 51 28.95 3.76 -28.18
N LEU A 52 27.93 4.38 -28.79
CA LEU A 52 26.67 4.68 -28.13
C LEU A 52 25.85 3.40 -27.97
N LEU A 53 25.80 2.54 -28.97
CA LEU A 53 25.01 1.30 -28.87
C LEU A 53 25.53 0.42 -27.73
N GLU A 54 26.85 0.36 -27.56
N GLU A 54 26.86 0.37 -27.57
CA GLU A 54 27.44 -0.38 -26.45
CA GLU A 54 27.45 -0.37 -26.46
C GLU A 54 27.08 0.24 -25.11
C GLU A 54 27.01 0.24 -25.13
N LEU A 55 27.06 1.56 -25.04
CA LEU A 55 26.62 2.26 -23.82
C LEU A 55 25.19 1.86 -23.46
N HIS A 56 24.31 1.87 -24.46
CA HIS A 56 22.92 1.51 -24.26
C HIS A 56 22.79 0.09 -23.71
N GLN A 57 23.47 -0.86 -24.33
CA GLN A 57 23.43 -2.23 -23.89
C GLN A 57 24.00 -2.40 -22.48
N ASN A 58 25.06 -1.66 -22.18
CA ASN A 58 25.65 -1.76 -20.85
C ASN A 58 24.70 -1.22 -19.79
N PHE A 59 23.96 -0.16 -20.10
CA PHE A 59 22.94 0.30 -19.17
C PHE A 59 21.83 -0.73 -18.97
N ILE A 60 21.44 -1.45 -20.03
CA ILE A 60 20.46 -2.53 -19.88
C ILE A 60 20.99 -3.58 -18.89
N LEU A 61 22.25 -3.95 -19.01
CA LEU A 61 22.85 -4.93 -18.09
C LEU A 61 22.87 -4.44 -16.66
N LEU A 62 23.29 -3.19 -16.43
CA LEU A 62 23.38 -2.72 -15.05
C LEU A 62 21.99 -2.60 -14.44
N THR A 63 21.00 -2.18 -15.22
CA THR A 63 19.63 -2.14 -14.72
C THR A 63 19.21 -3.53 -14.27
N GLY A 64 19.51 -4.54 -15.09
CA GLY A 64 19.17 -5.90 -14.72
C GLY A 64 19.90 -6.36 -13.48
N SER A 65 21.18 -6.04 -13.39
CA SER A 65 21.97 -6.42 -12.22
C SER A 65 21.41 -5.83 -10.94
N TYR A 66 21.14 -4.53 -10.93
CA TYR A 66 20.55 -3.92 -9.74
C TYR A 66 19.18 -4.52 -9.42
N ALA A 67 18.37 -4.79 -10.43
CA ALA A 67 17.07 -5.41 -10.17
C ALA A 67 17.21 -6.81 -9.54
N CYS A 68 18.23 -7.54 -9.96
CA CYS A 68 18.53 -8.84 -9.34
C CYS A 68 18.79 -8.74 -7.85
N SER A 69 19.32 -7.59 -7.42
CA SER A 69 19.67 -7.35 -6.02
C SER A 69 18.52 -6.91 -5.13
N ILE A 70 17.35 -6.65 -5.71
N ILE A 70 17.35 -6.65 -5.71
CA ILE A 70 16.18 -6.25 -4.91
CA ILE A 70 16.20 -6.27 -4.91
C ILE A 70 15.71 -7.43 -4.04
C ILE A 70 15.78 -7.46 -4.02
N ASP A 71 15.41 -7.15 -2.78
CA ASP A 71 14.83 -8.14 -1.88
C ASP A 71 15.62 -9.44 -1.79
N PRO A 72 16.91 -9.35 -1.41
CA PRO A 72 17.75 -10.57 -1.38
C PRO A 72 17.23 -11.64 -0.43
N THR A 73 16.63 -11.23 0.68
CA THR A 73 16.10 -12.17 1.66
C THR A 73 14.67 -12.63 1.37
N GLU A 74 14.06 -12.08 0.33
CA GLU A 74 12.74 -12.47 -0.16
C GLU A 74 11.65 -12.32 0.87
N ASP A 75 11.83 -11.35 1.76
CA ASP A 75 10.89 -11.11 2.85
C ASP A 75 10.74 -9.63 3.23
N ARG A 76 11.27 -8.71 2.42
CA ARG A 76 11.33 -7.30 2.82
C ARG A 76 10.07 -6.53 2.45
N TYR A 77 9.19 -7.15 1.66
CA TYR A 77 8.00 -6.47 1.12
C TYR A 77 6.76 -7.32 1.39
N GLN A 78 5.62 -6.64 1.46
CA GLN A 78 4.35 -7.28 1.76
C GLN A 78 3.29 -6.65 0.88
N ASN A 79 2.40 -7.49 0.36
CA ASN A 79 1.30 -7.07 -0.49
C ASN A 79 1.72 -6.20 -1.64
N VAL A 80 2.58 -6.77 -2.47
CA VAL A 80 3.02 -6.15 -3.70
C VAL A 80 1.90 -6.27 -4.74
N ILE A 81 1.29 -5.14 -5.06
CA ILE A 81 0.13 -5.08 -5.93
C ILE A 81 0.48 -4.20 -7.14
N VAL A 82 0.32 -4.78 -8.33
CA VAL A 82 0.60 -4.07 -9.57
C VAL A 82 -0.66 -4.10 -10.43
N ARG A 83 -1.19 -2.92 -10.74
CA ARG A 83 -2.44 -2.75 -11.48
C ARG A 83 -3.54 -3.61 -10.86
N GLY A 84 -3.58 -3.61 -9.53
CA GLY A 84 -4.61 -4.29 -8.79
C GLY A 84 -4.35 -5.77 -8.52
N VAL A 85 -3.30 -6.32 -9.10
CA VAL A 85 -3.00 -7.75 -9.00
C VAL A 85 -1.98 -8.00 -7.89
N ASN A 86 -2.31 -8.90 -6.97
CA ASN A 86 -1.47 -9.16 -5.80
C ASN A 86 -0.43 -10.24 -6.09
N PHE A 87 0.83 -9.84 -6.18
CA PHE A 87 1.88 -10.79 -6.53
C PHE A 87 2.41 -11.64 -5.37
N ASP A 88 2.14 -11.25 -4.12
CA ASP A 88 2.45 -12.12 -3.00
C ASP A 88 1.75 -13.45 -3.20
N GLU A 89 0.46 -13.36 -3.52
CA GLU A 89 -0.38 -14.53 -3.70
C GLU A 89 0.13 -15.36 -4.88
N ARG A 90 0.54 -14.67 -5.94
CA ARG A 90 1.11 -15.33 -7.11
C ARG A 90 2.33 -16.19 -6.73
N VAL A 91 3.29 -15.59 -6.04
CA VAL A 91 4.59 -16.23 -5.80
C VAL A 91 4.53 -17.31 -4.73
N GLN A 92 3.64 -17.12 -3.76
CA GLN A 92 3.45 -18.11 -2.71
C GLN A 92 3.03 -19.49 -3.23
N ARG A 93 2.30 -19.54 -4.33
N ARG A 93 2.31 -19.52 -4.35
CA ARG A 93 1.85 -20.82 -4.90
CA ARG A 93 1.80 -20.78 -4.90
C ARG A 93 2.97 -21.59 -5.58
C ARG A 93 2.80 -21.51 -5.83
N LEU A 94 3.91 -20.86 -6.16
CA LEU A 94 4.90 -21.46 -7.06
C LEU A 94 5.86 -22.42 -6.35
N SER A 95 6.24 -23.50 -7.02
CA SER A 95 7.06 -24.57 -6.43
C SER A 95 8.39 -24.06 -5.87
N THR A 96 8.96 -23.05 -6.52
CA THR A 96 10.24 -22.50 -6.09
C THR A 96 10.11 -21.20 -5.29
N GLY A 97 8.89 -20.71 -5.09
CA GLY A 97 8.66 -19.55 -4.24
C GLY A 97 9.35 -18.31 -4.78
N GLY A 98 9.88 -17.49 -3.90
CA GLY A 98 10.71 -16.37 -4.33
C GLY A 98 10.25 -15.04 -3.78
N SER A 99 10.78 -13.98 -4.35
CA SER A 99 10.46 -12.62 -3.93
C SER A 99 9.30 -12.06 -4.73
N PRO A 100 8.22 -11.64 -4.04
CA PRO A 100 7.16 -10.95 -4.80
C PRO A 100 7.60 -9.62 -5.40
N ALA A 101 8.57 -8.96 -4.78
CA ALA A 101 9.07 -7.68 -5.29
C ALA A 101 9.80 -7.86 -6.62
N ARG A 102 10.68 -8.84 -6.70
CA ARG A 102 11.35 -9.10 -7.99
C ARG A 102 10.43 -9.67 -9.03
N TYR A 103 9.47 -10.46 -8.58
CA TYR A 103 8.47 -10.98 -9.50
C TYR A 103 7.73 -9.81 -10.14
N ALA A 104 7.38 -8.82 -9.33
CA ALA A 104 6.68 -7.63 -9.81
C ALA A 104 7.52 -6.74 -10.71
N ILE A 105 8.82 -6.64 -10.44
CA ILE A 105 9.66 -5.72 -11.17
C ILE A 105 9.82 -6.14 -12.63
N VAL A 106 9.58 -7.42 -12.93
CA VAL A 106 9.67 -7.90 -14.30
C VAL A 106 8.41 -7.57 -15.10
N TYR A 107 7.36 -7.05 -14.46
CA TYR A 107 6.16 -6.55 -15.14
C TYR A 107 6.28 -5.05 -15.40
N ARG A 108 5.74 -4.57 -16.51
N ARG A 108 5.74 -4.58 -16.53
CA ARG A 108 5.74 -3.13 -16.73
CA ARG A 108 5.62 -3.15 -16.78
C ARG A 108 4.97 -2.44 -15.63
C ARG A 108 4.99 -2.50 -15.57
N ARG A 109 5.58 -1.38 -15.12
CA ARG A 109 5.08 -0.59 -14.00
C ARG A 109 5.16 -1.26 -12.63
N GLY A 110 5.73 -2.45 -12.54
CA GLY A 110 5.98 -3.07 -11.23
C GLY A 110 6.72 -2.14 -10.29
N TRP A 111 7.62 -1.34 -10.86
CA TRP A 111 8.41 -0.37 -10.11
C TRP A 111 7.57 0.60 -9.31
N ARG A 112 6.35 0.86 -9.78
N ARG A 112 6.36 0.89 -9.79
CA ARG A 112 5.50 1.84 -9.12
CA ARG A 112 5.53 1.87 -9.09
C ARG A 112 5.14 1.37 -7.71
C ARG A 112 5.19 1.37 -7.69
N ALA A 113 4.95 0.07 -7.54
CA ALA A 113 4.67 -0.53 -6.23
C ALA A 113 5.89 -0.44 -5.31
N ILE A 114 7.04 -0.82 -5.83
CA ILE A 114 8.24 -0.87 -5.03
C ILE A 114 8.73 0.55 -4.66
N ALA A 115 8.63 1.48 -5.60
CA ALA A 115 8.98 2.88 -5.33
C ALA A 115 8.15 3.46 -4.20
N LYS A 116 6.86 3.12 -4.16
CA LYS A 116 6.00 3.54 -3.06
C LYS A 116 6.46 2.96 -1.75
N ALA A 117 6.72 1.66 -1.72
CA ALA A 117 7.21 1.00 -0.51
C ALA A 117 8.47 1.66 0.05
N LEU A 118 9.33 2.15 -0.84
CA LEU A 118 10.63 2.70 -0.44
C LEU A 118 10.65 4.21 -0.32
N ASP A 119 9.49 4.85 -0.44
CA ASP A 119 9.37 6.30 -0.36
C ASP A 119 10.33 7.03 -1.32
N ILE A 120 10.39 6.57 -2.56
CA ILE A 120 11.34 7.14 -3.54
C ILE A 120 10.82 8.43 -4.16
N ASP A 121 11.47 9.56 -3.83
CA ASP A 121 11.14 10.88 -4.39
C ASP A 121 12.35 11.64 -4.98
N GLU A 122 13.46 10.94 -5.19
N GLU A 122 13.45 10.93 -5.19
CA GLU A 122 14.72 11.57 -5.59
CA GLU A 122 14.73 11.52 -5.61
C GLU A 122 14.76 12.08 -7.05
C GLU A 122 14.67 12.15 -7.01
N GLU A 123 13.86 11.58 -7.88
CA GLU A 123 13.67 12.09 -9.23
C GLU A 123 12.27 11.74 -9.69
N ASP A 124 11.85 12.38 -10.78
CA ASP A 124 10.55 12.14 -11.37
C ASP A 124 10.49 10.73 -11.95
N VAL A 125 9.28 10.16 -11.95
CA VAL A 125 8.99 8.83 -12.50
C VAL A 125 10.17 7.87 -12.30
N PRO A 126 10.44 7.49 -11.04
CA PRO A 126 11.62 6.68 -10.68
C PRO A 126 11.48 5.21 -11.06
N ALA A 127 11.53 4.98 -12.37
CA ALA A 127 11.22 3.70 -12.97
C ALA A 127 12.43 2.79 -13.01
N ILE A 128 12.15 1.50 -12.89
CA ILE A 128 13.07 0.44 -13.28
C ILE A 128 12.26 -0.52 -14.12
N GLU A 129 12.67 -0.70 -15.37
CA GLU A 129 12.08 -1.73 -16.24
C GLU A 129 13.19 -2.64 -16.70
N VAL A 130 12.90 -3.93 -16.76
CA VAL A 130 13.86 -4.97 -17.14
C VAL A 130 13.30 -5.81 -18.27
N ARG A 131 12.67 -5.15 -19.21
CA ARG A 131 12.00 -5.86 -20.30
C ARG A 131 12.60 -5.65 -21.69
N ALA A 132 13.81 -5.11 -21.79
CA ALA A 132 14.43 -4.89 -23.10
C ALA A 132 14.43 -6.17 -23.91
N VAL A 133 14.05 -6.03 -25.17
CA VAL A 133 14.07 -7.13 -26.14
C VAL A 133 15.09 -6.86 -27.26
N LYS A 134 14.75 -5.91 -28.13
N LYS A 134 14.72 -6.14 -28.31
CA LYS A 134 15.53 -5.60 -29.34
CA LYS A 134 15.59 -6.14 -29.52
C LYS A 134 17.04 -5.66 -29.12
C LYS A 134 17.09 -5.91 -29.20
N ARG A 135 17.52 -4.73 -28.33
N ARG A 135 17.35 -4.93 -28.35
CA ARG A 135 18.95 -4.58 -28.14
CA ARG A 135 18.72 -4.50 -28.07
C ARG A 135 19.45 -5.17 -26.81
C ARG A 135 19.33 -5.07 -26.79
N ASN A 136 18.65 -6.01 -26.16
CA ASN A 136 19.16 -6.67 -24.96
C ASN A 136 20.34 -7.53 -25.35
N PRO A 137 21.48 -7.38 -24.67
CA PRO A 137 22.61 -8.26 -24.99
C PRO A 137 22.38 -9.73 -24.59
N LEU A 138 21.43 -9.98 -23.70
CA LEU A 138 21.03 -11.35 -23.34
C LEU A 138 19.78 -11.78 -24.10
N GLN A 139 19.60 -13.08 -24.20
CA GLN A 139 18.32 -13.63 -24.61
C GLN A 139 17.27 -13.05 -23.64
N PRO A 140 16.24 -12.36 -24.15
CA PRO A 140 15.40 -11.57 -23.24
C PRO A 140 14.68 -12.34 -22.15
N ALA A 141 14.07 -13.47 -22.46
CA ALA A 141 13.34 -14.22 -21.40
C ALA A 141 14.33 -14.69 -20.32
N LEU A 142 15.55 -15.07 -20.73
CA LEU A 142 16.55 -15.49 -19.76
C LEU A 142 16.89 -14.32 -18.83
N TYR A 143 17.12 -13.15 -19.41
CA TYR A 143 17.40 -11.95 -18.60
C TYR A 143 16.33 -11.70 -17.55
N ARG A 144 15.05 -11.82 -17.93
CA ARG A 144 13.94 -11.60 -17.02
C ARG A 144 13.91 -12.65 -15.94
N ILE A 145 14.21 -13.90 -16.29
CA ILE A 145 14.27 -14.96 -15.30
C ILE A 145 15.42 -14.78 -14.32
N LEU A 146 16.58 -14.28 -14.79
CA LEU A 146 17.67 -13.99 -13.86
C LEU A 146 17.22 -12.97 -12.82
N VAL A 147 16.52 -11.91 -13.28
CA VAL A 147 15.98 -10.92 -12.34
C VAL A 147 15.00 -11.56 -11.35
N ARG A 148 14.05 -12.34 -11.85
N ARG A 148 14.06 -12.33 -11.87
CA ARG A 148 13.06 -12.95 -10.96
CA ARG A 148 13.07 -12.99 -11.04
C ARG A 148 13.72 -13.84 -9.90
C ARG A 148 13.78 -13.76 -9.92
N TYR A 149 14.76 -14.59 -10.28
CA TYR A 149 15.48 -15.42 -9.31
C TYR A 149 16.63 -14.72 -8.57
N GLY A 150 16.81 -13.41 -8.76
CA GLY A 150 17.83 -12.70 -8.00
C GLY A 150 19.25 -13.12 -8.31
N ARG A 151 19.50 -13.45 -9.57
CA ARG A 151 20.77 -14.05 -9.94
C ARG A 151 21.83 -13.01 -10.26
N VAL A 152 22.23 -12.29 -9.22
CA VAL A 152 23.31 -11.32 -9.30
C VAL A 152 24.59 -11.98 -9.78
N ASP A 153 24.74 -13.26 -9.43
CA ASP A 153 25.88 -14.04 -9.90
C ASP A 153 25.93 -14.25 -11.40
N LEU A 154 24.77 -14.43 -12.02
CA LEU A 154 24.72 -14.75 -13.45
C LEU A 154 24.57 -13.55 -14.35
N MET A 155 23.94 -12.49 -13.86
CA MET A 155 23.71 -11.32 -14.71
C MET A 155 25.03 -10.61 -15.03
N PRO A 156 25.42 -10.58 -16.31
CA PRO A 156 26.67 -9.89 -16.64
C PRO A 156 26.59 -8.40 -16.35
N VAL A 157 27.73 -7.78 -16.09
CA VAL A 157 27.76 -6.35 -15.81
C VAL A 157 28.43 -5.53 -16.92
N THR A 158 28.93 -6.19 -17.96
CA THR A 158 29.39 -5.51 -19.17
C THR A 158 29.04 -6.37 -20.37
N VAL A 159 28.86 -5.71 -21.51
CA VAL A 159 28.45 -6.39 -22.73
C VAL A 159 29.48 -7.42 -23.18
N ASP A 160 30.76 -7.05 -23.06
N ASP A 160 30.75 -7.11 -23.07
CA ASP A 160 31.87 -7.94 -23.42
CA ASP A 160 31.74 -8.08 -23.54
C ASP A 160 31.78 -9.25 -22.66
C ASP A 160 31.83 -9.29 -22.64
N GLU A 161 31.33 -9.18 -21.41
CA GLU A 161 31.33 -10.32 -20.48
C GLU A 161 30.05 -11.16 -20.54
N VAL A 162 29.17 -10.88 -21.50
CA VAL A 162 27.98 -11.71 -21.68
C VAL A 162 28.44 -13.04 -22.28
N PRO A 163 28.21 -14.16 -21.58
CA PRO A 163 28.58 -15.44 -22.16
C PRO A 163 27.79 -15.73 -23.42
N PRO A 164 28.44 -16.32 -24.45
CA PRO A 164 27.63 -16.62 -25.64
C PRO A 164 26.38 -17.48 -25.34
N GLU A 165 26.51 -18.37 -24.36
N GLU A 165 26.50 -18.36 -24.36
CA GLU A 165 25.40 -19.25 -23.96
CA GLU A 165 25.39 -19.24 -23.99
C GLU A 165 24.21 -18.51 -23.33
C GLU A 165 24.25 -18.53 -23.25
N MET A 166 24.38 -17.23 -23.00
CA MET A 166 23.27 -16.42 -22.51
C MET A 166 22.69 -15.51 -23.58
N ALA A 167 23.19 -15.62 -24.80
CA ALA A 167 22.82 -14.75 -25.90
C ALA A 167 22.54 -15.60 -27.14
N GLY A 168 23.27 -15.40 -28.23
CA GLY A 168 23.02 -16.13 -29.47
C GLY A 168 23.18 -17.64 -29.34
N GLU A 169 24.04 -18.11 -28.43
CA GLU A 169 24.22 -19.54 -28.24
C GLU A 169 23.44 -20.09 -27.06
N PHE A 170 22.30 -19.46 -26.77
CA PHE A 170 21.44 -19.81 -25.64
C PHE A 170 21.11 -21.31 -25.54
N GLU A 171 20.98 -21.97 -26.68
N GLU A 171 20.99 -21.99 -26.68
CA GLU A 171 20.63 -23.36 -26.69
CA GLU A 171 20.65 -23.42 -26.67
C GLU A 171 21.69 -24.24 -25.98
C GLU A 171 21.67 -24.20 -25.86
N ARG A 172 22.93 -23.77 -25.92
CA ARG A 172 23.98 -24.45 -25.17
C ARG A 172 23.72 -24.49 -23.67
N LEU A 173 23.16 -23.41 -23.14
CA LEU A 173 22.86 -23.35 -21.72
C LEU A 173 21.72 -24.31 -21.37
N ILE A 174 20.73 -24.36 -22.24
CA ILE A 174 19.64 -25.31 -22.03
C ILE A 174 20.14 -26.75 -22.07
N GLU A 175 20.98 -27.06 -23.04
CA GLU A 175 21.51 -28.41 -23.19
C GLU A 175 22.44 -28.80 -22.04
N ARG A 176 23.18 -27.83 -21.50
CA ARG A 176 24.17 -28.08 -20.46
C ARG A 176 23.66 -28.89 -19.27
N TYR A 177 22.36 -28.84 -18.96
N TYR A 177 22.46 -28.52 -18.79
CA TYR A 177 21.80 -29.71 -17.89
CA TYR A 177 21.89 -29.00 -17.53
C TYR A 177 20.77 -30.73 -18.35
C TYR A 177 20.80 -30.03 -17.82
N ASP A 178 20.56 -30.84 -19.66
N ASP A 178 20.76 -30.49 -19.08
CA ASP A 178 19.64 -31.82 -20.18
CA ASP A 178 19.97 -31.63 -19.53
C ASP A 178 18.33 -31.75 -19.38
C ASP A 178 18.53 -31.66 -19.00
N VAL A 179 17.84 -30.53 -19.11
CA VAL A 179 16.50 -30.40 -18.57
C VAL A 179 15.52 -30.85 -19.65
N PRO A 180 14.39 -31.44 -19.26
CA PRO A 180 13.39 -31.87 -20.21
C PRO A 180 12.68 -30.64 -20.78
N ILE A 181 12.34 -30.73 -22.07
CA ILE A 181 11.69 -29.64 -22.79
C ILE A 181 10.41 -30.18 -23.40
N ASP A 182 9.27 -29.55 -23.09
CA ASP A 182 8.01 -30.02 -23.66
C ASP A 182 7.86 -29.67 -25.14
N GLU A 183 6.87 -30.27 -25.79
N GLU A 183 6.87 -30.26 -25.79
CA GLU A 183 6.72 -30.09 -27.24
CA GLU A 183 6.72 -30.10 -27.23
C GLU A 183 6.47 -28.63 -27.60
C GLU A 183 6.41 -28.65 -27.64
N LYS A 184 5.64 -27.96 -26.80
CA LYS A 184 5.31 -26.57 -27.05
C LYS A 184 6.56 -25.71 -26.89
N GLU A 185 7.31 -25.98 -25.83
CA GLU A 185 8.58 -25.29 -25.62
C GLU A 185 9.55 -25.50 -26.79
N GLU A 186 9.60 -26.70 -27.36
N GLU A 186 9.59 -26.69 -27.36
CA GLU A 186 10.42 -26.98 -28.56
CA GLU A 186 10.45 -26.94 -28.49
C GLU A 186 9.96 -26.14 -29.75
C GLU A 186 10.06 -26.10 -29.70
N ARG A 187 8.66 -25.91 -29.89
N ARG A 187 8.76 -25.92 -29.93
CA ARG A 187 8.15 -25.07 -30.97
CA ARG A 187 8.32 -25.07 -31.03
C ARG A 187 8.63 -23.63 -30.79
C ARG A 187 8.76 -23.64 -30.79
N ILE A 188 8.68 -23.18 -29.54
CA ILE A 188 9.17 -21.84 -29.20
C ILE A 188 10.68 -21.70 -29.47
N LEU A 189 11.44 -22.71 -29.07
CA LEU A 189 12.87 -22.74 -29.34
C LEU A 189 13.19 -22.67 -30.83
N GLU A 190 12.39 -23.30 -31.68
CA GLU A 190 12.60 -23.19 -33.13
C GLU A 190 12.59 -21.76 -33.63
N ILE A 191 11.67 -20.97 -33.10
CA ILE A 191 11.57 -19.57 -33.48
C ILE A 191 12.74 -18.80 -32.92
N LEU A 192 13.11 -19.09 -31.66
CA LEU A 192 14.25 -18.42 -31.07
C LEU A 192 15.58 -18.75 -31.76
N ARG A 193 15.71 -19.92 -32.36
N ARG A 193 15.64 -19.93 -32.36
CA ARG A 193 16.93 -20.18 -33.14
CA ARG A 193 16.81 -20.35 -33.17
C ARG A 193 17.03 -19.18 -34.28
C ARG A 193 17.01 -19.47 -34.40
N GLU A 194 15.92 -18.92 -34.93
CA GLU A 194 15.94 -17.98 -36.04
C GLU A 194 16.30 -16.57 -35.59
N ASN A 195 15.77 -16.16 -34.44
CA ASN A 195 16.15 -14.91 -33.83
C ASN A 195 15.89 -15.02 -32.32
N PRO A 196 16.96 -15.11 -31.51
CA PRO A 196 16.76 -15.18 -30.05
C PRO A 196 16.01 -14.01 -29.45
N TRP A 197 15.93 -12.90 -30.19
CA TRP A 197 15.29 -11.66 -29.74
C TRP A 197 13.87 -11.48 -30.32
N THR A 198 13.27 -12.55 -30.82
CA THR A 198 11.88 -12.46 -31.30
C THR A 198 10.92 -12.18 -30.13
N PRO A 199 10.08 -11.15 -30.24
CA PRO A 199 9.21 -10.84 -29.12
C PRO A 199 8.15 -11.91 -28.87
N HIS A 200 7.73 -12.03 -27.61
CA HIS A 200 6.84 -13.09 -27.23
C HIS A 200 5.49 -13.04 -27.93
N ASP A 201 4.98 -11.83 -28.18
CA ASP A 201 3.72 -11.70 -28.90
C ASP A 201 3.81 -12.26 -30.31
N GLU A 202 4.97 -12.08 -30.93
CA GLU A 202 5.20 -12.63 -32.27
C GLU A 202 5.38 -14.14 -32.26
N ILE A 203 6.07 -14.65 -31.25
CA ILE A 203 6.18 -16.10 -31.11
C ILE A 203 4.78 -16.70 -31.01
N ALA A 204 3.95 -16.08 -30.18
CA ALA A 204 2.59 -16.55 -29.97
C ALA A 204 1.78 -16.49 -31.26
N ARG A 205 1.80 -15.34 -31.94
CA ARG A 205 1.02 -15.18 -33.18
C ARG A 205 1.46 -16.23 -34.20
N ARG A 206 2.77 -16.43 -34.32
CA ARG A 206 3.27 -17.33 -35.36
C ARG A 206 2.93 -18.79 -35.08
N LEU A 207 2.90 -19.16 -33.80
CA LEU A 207 2.57 -20.54 -33.39
C LEU A 207 1.07 -20.77 -33.19
N GLY A 208 0.25 -19.72 -33.31
CA GLY A 208 -1.19 -19.84 -33.06
C GLY A 208 -1.48 -20.20 -31.61
N LEU A 209 -0.70 -19.60 -30.72
CA LEU A 209 -0.81 -19.82 -29.27
C LEU A 209 -1.12 -18.51 -28.57
N SER A 210 -1.61 -18.56 -27.35
CA SER A 210 -1.75 -17.37 -26.56
C SER A 210 -0.36 -16.94 -26.04
N VAL A 211 -0.26 -15.68 -25.66
CA VAL A 211 0.96 -15.21 -25.03
C VAL A 211 1.23 -15.96 -23.72
N SER A 212 0.18 -16.19 -22.96
N SER A 212 0.19 -16.20 -22.94
CA SER A 212 0.30 -16.98 -21.73
CA SER A 212 0.37 -16.95 -21.70
C SER A 212 0.94 -18.34 -21.98
C SER A 212 0.94 -18.36 -21.96
N GLU A 213 0.51 -19.00 -23.04
CA GLU A 213 1.04 -20.32 -23.41
C GLU A 213 2.52 -20.24 -23.80
N VAL A 214 2.89 -19.18 -24.49
CA VAL A 214 4.29 -18.98 -24.89
C VAL A 214 5.18 -18.71 -23.68
N GLU A 215 4.66 -17.91 -22.76
CA GLU A 215 5.46 -17.47 -21.62
C GLU A 215 5.53 -18.50 -20.50
N GLY A 216 4.39 -19.01 -20.06
CA GLY A 216 4.31 -19.86 -18.88
C GLY A 216 4.58 -19.08 -17.62
N GLU A 217 4.42 -19.76 -16.49
CA GLU A 217 4.81 -19.18 -15.22
C GLU A 217 6.35 -19.19 -15.07
N LYS A 218 6.84 -18.26 -14.27
N LYS A 218 6.85 -18.29 -14.24
CA LYS A 218 8.27 -18.20 -13.98
CA LYS A 218 8.28 -18.18 -13.99
C LYS A 218 8.60 -19.19 -12.88
C LYS A 218 8.70 -19.19 -12.92
N ASP A 219 8.50 -20.48 -13.24
CA ASP A 219 8.74 -21.56 -12.33
C ASP A 219 8.98 -22.81 -13.17
N PRO A 220 9.88 -23.72 -12.74
CA PRO A 220 10.12 -24.93 -13.54
C PRO A 220 8.92 -25.84 -13.82
N GLU A 221 7.91 -25.77 -12.96
N GLU A 221 7.90 -25.80 -12.97
CA GLU A 221 6.76 -26.70 -13.00
CA GLU A 221 6.80 -26.75 -13.10
C GLU A 221 5.78 -26.35 -14.11
C GLU A 221 5.90 -26.44 -14.29
N SER A 222 6.00 -25.23 -14.78
N SER A 222 5.93 -25.20 -14.74
CA SER A 222 5.07 -24.73 -15.76
CA SER A 222 5.01 -24.74 -15.78
C SER A 222 5.57 -25.04 -17.18
C SER A 222 5.46 -25.15 -17.20
N SER A 223 4.95 -24.44 -18.20
CA SER A 223 5.26 -24.71 -19.61
C SER A 223 5.34 -23.39 -20.36
N GLY A 224 6.47 -23.14 -21.02
CA GLY A 224 6.69 -21.92 -21.76
C GLY A 224 8.12 -21.46 -21.61
N ILE A 225 8.47 -20.35 -22.26
CA ILE A 225 9.87 -19.94 -22.27
C ILE A 225 10.36 -19.48 -20.89
N TYR A 226 9.49 -18.81 -20.14
CA TYR A 226 9.87 -18.47 -18.78
C TYR A 226 10.05 -19.71 -17.93
N SER A 227 9.19 -20.71 -18.15
N SER A 227 9.17 -20.70 -18.12
CA SER A 227 9.23 -21.93 -17.35
CA SER A 227 9.24 -21.93 -17.34
C SER A 227 10.44 -22.78 -17.66
C SER A 227 10.50 -22.72 -17.66
N LEU A 228 10.81 -22.85 -18.93
CA LEU A 228 12.00 -23.57 -19.35
C LEU A 228 13.26 -22.88 -18.82
N TRP A 229 13.36 -21.56 -18.92
CA TRP A 229 14.53 -20.92 -18.37
C TRP A 229 14.60 -21.07 -16.86
N SER A 230 13.45 -21.02 -16.19
CA SER A 230 13.42 -21.27 -14.75
C SER A 230 13.97 -22.67 -14.43
N ARG A 231 13.53 -23.65 -15.21
N ARG A 231 13.58 -23.64 -15.24
CA ARG A 231 13.99 -25.03 -15.07
CA ARG A 231 13.97 -25.05 -15.07
C ARG A 231 15.51 -25.09 -15.15
C ARG A 231 15.48 -25.24 -15.30
N VAL A 232 16.07 -24.39 -16.15
CA VAL A 232 17.52 -24.36 -16.33
C VAL A 232 18.20 -23.66 -15.14
N VAL A 233 17.76 -22.44 -14.85
CA VAL A 233 18.47 -21.57 -13.89
C VAL A 233 18.50 -22.14 -12.48
N VAL A 234 17.42 -22.78 -12.03
CA VAL A 234 17.44 -23.37 -10.68
C VAL A 234 18.50 -24.48 -10.56
N ASN A 235 18.94 -25.04 -11.68
N ASN A 235 18.94 -25.03 -11.68
CA ASN A 235 20.01 -26.04 -11.66
CA ASN A 235 20.01 -26.04 -11.68
C ASN A 235 21.41 -25.45 -11.55
C ASN A 235 21.42 -25.47 -11.70
N ILE A 236 21.53 -24.13 -11.76
CA ILE A 236 22.83 -23.48 -11.71
C ILE A 236 23.07 -23.04 -10.26
N GLU A 237 24.06 -23.63 -9.62
CA GLU A 237 24.36 -23.32 -8.23
C GLU A 237 24.72 -21.83 -8.09
N TYR A 238 24.26 -21.23 -7.00
CA TYR A 238 24.51 -19.82 -6.78
C TYR A 238 26.00 -19.61 -6.48
N ASP A 239 26.64 -18.70 -7.21
N ASP A 239 26.62 -18.69 -7.21
CA ASP A 239 28.05 -18.41 -7.03
CA ASP A 239 28.04 -18.41 -7.09
C ASP A 239 28.24 -17.07 -6.35
C ASP A 239 28.25 -17.07 -6.39
N GLU A 240 28.40 -17.12 -5.04
N GLU A 240 28.41 -17.11 -5.08
CA GLU A 240 28.59 -15.90 -4.25
CA GLU A 240 28.57 -15.89 -4.30
C GLU A 240 29.85 -15.14 -4.65
C GLU A 240 29.85 -15.13 -4.65
N ARG A 241 30.92 -15.85 -5.01
CA ARG A 241 32.18 -15.19 -5.40
C ARG A 241 31.97 -14.30 -6.63
N THR A 242 31.23 -14.81 -7.59
CA THR A 242 30.96 -14.02 -8.78
C THR A 242 29.95 -12.91 -8.53
N ALA A 243 28.93 -13.19 -7.72
CA ALA A 243 28.02 -12.13 -7.29
C ALA A 243 28.79 -10.96 -6.65
N LYS A 244 29.69 -11.29 -5.74
N LYS A 244 29.71 -11.25 -5.73
CA LYS A 244 30.56 -10.32 -5.08
CA LYS A 244 30.45 -10.18 -5.04
C LYS A 244 31.32 -9.48 -6.10
C LYS A 244 31.28 -9.33 -6.00
N ARG A 245 31.92 -10.13 -7.08
N ARG A 245 31.89 -9.98 -6.99
CA ARG A 245 32.70 -9.46 -8.12
CA ARG A 245 32.65 -9.23 -7.99
C ARG A 245 31.80 -8.48 -8.91
C ARG A 245 31.73 -8.37 -8.85
N HIS A 246 30.61 -8.93 -9.27
CA HIS A 246 29.64 -8.14 -10.02
C HIS A 246 29.20 -6.91 -9.24
N VAL A 247 28.90 -7.10 -7.96
CA VAL A 247 28.48 -5.99 -7.12
C VAL A 247 29.60 -4.94 -6.96
N LYS A 248 30.81 -5.41 -6.76
CA LYS A 248 31.96 -4.52 -6.66
C LYS A 248 32.13 -3.67 -7.92
N ARG A 249 32.11 -4.33 -9.07
N ARG A 249 32.09 -4.34 -9.06
CA ARG A 249 32.42 -3.61 -10.29
CA ARG A 249 32.40 -3.67 -10.31
C ARG A 249 31.28 -2.73 -10.81
C ARG A 249 31.29 -2.75 -10.80
N ARG A 250 30.04 -3.16 -10.66
CA ARG A 250 28.94 -2.45 -11.29
C ARG A 250 28.80 -1.01 -10.86
N ASP A 251 29.09 -0.71 -9.61
CA ASP A 251 28.90 0.66 -9.14
C ASP A 251 29.91 1.60 -9.80
N ARG A 252 31.14 1.12 -9.99
N ARG A 252 31.14 1.13 -9.99
CA ARG A 252 32.16 1.86 -10.72
CA ARG A 252 32.12 1.92 -10.73
C ARG A 252 31.80 1.99 -12.20
C ARG A 252 31.74 2.02 -12.20
N LEU A 253 31.34 0.89 -12.79
CA LEU A 253 30.94 0.89 -14.19
C LEU A 253 29.80 1.88 -14.46
N LEU A 254 28.86 1.97 -13.52
CA LEU A 254 27.74 2.90 -13.67
C LEU A 254 28.25 4.33 -13.86
N GLU A 255 29.22 4.72 -13.03
N GLU A 255 29.24 4.72 -13.05
CA GLU A 255 29.79 6.06 -13.12
CA GLU A 255 29.77 6.08 -13.14
C GLU A 255 30.47 6.23 -14.47
C GLU A 255 30.56 6.28 -14.43
N GLU A 256 31.27 5.24 -14.86
CA GLU A 256 31.99 5.32 -16.13
C GLU A 256 31.04 5.43 -17.31
N LEU A 257 29.93 4.72 -17.27
CA LEU A 257 28.98 4.79 -18.37
C LEU A 257 28.41 6.21 -18.47
N TYR A 258 28.09 6.83 -17.34
CA TYR A 258 27.60 8.20 -17.37
C TYR A 258 28.66 9.17 -17.87
N GLU A 259 29.90 9.03 -17.42
N GLU A 259 29.91 8.98 -17.46
CA GLU A 259 30.98 9.92 -17.87
CA GLU A 259 31.00 9.83 -17.94
C GLU A 259 31.12 9.79 -19.37
C GLU A 259 31.10 9.73 -19.46
N HIS A 260 31.08 8.56 -19.84
N HIS A 260 31.06 8.51 -19.97
CA HIS A 260 31.21 8.25 -21.25
CA HIS A 260 31.25 8.30 -21.38
C HIS A 260 30.08 8.89 -22.06
C HIS A 260 30.04 8.76 -22.20
N LEU A 261 28.86 8.62 -21.62
CA LEU A 261 27.66 9.16 -22.28
C LEU A 261 27.74 10.67 -22.40
N GLU A 262 28.17 11.32 -21.34
CA GLU A 262 28.28 12.79 -21.37
C GLU A 262 29.24 13.21 -22.48
N GLU A 263 30.44 12.64 -22.45
N GLU A 263 30.43 12.62 -22.50
CA GLU A 263 31.49 12.91 -23.44
CA GLU A 263 31.45 13.00 -23.47
C GLU A 263 30.97 12.72 -24.86
C GLU A 263 31.04 12.69 -24.90
N LEU A 264 30.47 11.52 -25.12
CA LEU A 264 30.00 11.15 -26.44
C LEU A 264 28.89 12.08 -26.91
N SER A 265 27.96 12.41 -26.01
CA SER A 265 26.81 13.23 -26.40
C SER A 265 27.21 14.65 -26.81
N GLU A 266 28.36 15.13 -26.35
CA GLU A 266 28.82 16.47 -26.66
C GLU A 266 29.03 16.70 -28.15
N ARG A 267 29.39 15.65 -28.88
CA ARG A 267 29.60 15.82 -30.32
C ARG A 267 28.33 15.65 -31.14
N TYR A 268 27.22 15.30 -30.50
CA TYR A 268 25.94 15.13 -31.20
C TYR A 268 24.88 16.14 -30.79
N LEU A 269 25.01 16.73 -29.61
CA LEU A 269 23.97 17.57 -29.03
C LEU A 269 24.51 18.90 -28.57
N ARG A 270 23.69 19.95 -28.66
N ARG A 270 23.68 19.93 -28.69
CA ARG A 270 24.02 21.24 -28.06
CA ARG A 270 23.95 21.23 -28.08
C ARG A 270 23.82 21.24 -26.54
C ARG A 270 23.90 21.14 -26.56
N HIS A 271 22.97 20.34 -26.04
CA HIS A 271 22.79 20.14 -24.61
C HIS A 271 23.25 18.71 -24.26
N PRO A 272 24.51 18.58 -23.80
CA PRO A 272 25.00 17.25 -23.49
C PRO A 272 24.19 16.53 -22.41
N LEU A 273 24.21 15.20 -22.51
CA LEU A 273 23.49 14.35 -21.57
C LEU A 273 24.32 14.13 -20.31
N THR A 274 24.42 15.18 -19.51
CA THR A 274 25.00 15.06 -18.18
C THR A 274 23.99 14.39 -17.24
N ARG A 275 24.47 13.86 -16.13
CA ARG A 275 23.54 13.28 -15.16
C ARG A 275 22.54 14.33 -14.69
N ARG A 276 23.04 15.54 -14.43
N ARG A 276 23.00 15.55 -14.43
CA ARG A 276 22.19 16.66 -14.01
CA ARG A 276 22.07 16.61 -14.00
C ARG A 276 21.06 16.94 -15.02
C ARG A 276 21.01 16.88 -15.04
N TRP A 277 21.41 16.97 -16.31
CA TRP A 277 20.43 17.23 -17.36
C TRP A 277 19.40 16.11 -17.45
N ILE A 278 19.86 14.87 -17.35
CA ILE A 278 19.00 13.70 -17.40
C ILE A 278 17.97 13.73 -16.27
N VAL A 279 18.40 14.07 -15.07
CA VAL A 279 17.48 14.16 -13.93
C VAL A 279 16.49 15.31 -14.16
N GLU A 280 16.98 16.47 -14.57
CA GLU A 280 16.11 17.62 -14.77
C GLU A 280 15.07 17.38 -15.86
N HIS A 281 15.48 16.69 -16.93
CA HIS A 281 14.60 16.44 -18.07
C HIS A 281 14.08 15.02 -18.12
N LYS A 282 14.02 14.37 -16.96
CA LYS A 282 13.56 13.00 -16.87
C LYS A 282 12.17 12.79 -17.45
N ARG A 283 11.25 13.69 -17.14
CA ARG A 283 9.88 13.55 -17.65
C ARG A 283 9.86 13.58 -19.17
N ASP A 284 10.61 14.48 -19.80
CA ASP A 284 10.65 14.49 -21.26
C ASP A 284 11.30 13.25 -21.85
N ILE A 285 12.41 12.83 -21.27
N ILE A 285 12.40 12.80 -21.28
CA ILE A 285 13.13 11.62 -21.69
CA ILE A 285 13.10 11.62 -21.82
C ILE A 285 12.20 10.41 -21.68
C ILE A 285 12.23 10.36 -21.67
N MET A 286 11.49 10.25 -20.56
CA MET A 286 10.56 9.16 -20.36
C MET A 286 9.42 9.24 -21.35
N ARG A 287 8.85 10.42 -21.52
N ARG A 287 8.86 10.45 -21.51
CA ARG A 287 7.70 10.51 -22.40
CA ARG A 287 7.75 10.69 -22.46
C ARG A 287 8.06 10.26 -23.88
C ARG A 287 8.11 10.19 -23.84
N ARG A 288 9.26 10.65 -24.33
CA ARG A 288 9.69 10.34 -25.69
C ARG A 288 9.90 8.82 -25.87
N TYR A 289 10.43 8.19 -24.83
N TYR A 289 10.44 8.17 -24.84
CA TYR A 289 10.66 6.75 -24.84
CA TYR A 289 10.64 6.73 -24.86
C TYR A 289 9.33 6.01 -24.98
C TYR A 289 9.29 6.02 -25.02
N LEU A 290 8.35 6.42 -24.20
CA LEU A 290 7.02 5.80 -24.19
C LEU A 290 6.26 6.07 -25.47
N GLU A 291 6.32 7.29 -25.99
CA GLU A 291 5.60 7.63 -27.21
C GLU A 291 6.00 6.73 -28.35
N GLN A 292 7.30 6.47 -28.50
CA GLN A 292 7.77 5.54 -29.55
C GLN A 292 7.13 4.15 -29.40
N ARG A 293 7.15 3.65 -28.17
CA ARG A 293 6.61 2.32 -27.90
C ARG A 293 5.11 2.30 -28.13
N ILE A 294 4.43 3.36 -27.74
CA ILE A 294 2.98 3.43 -27.85
C ILE A 294 2.55 3.38 -29.32
N VAL A 295 3.16 4.20 -30.16
CA VAL A 295 2.75 4.23 -31.54
C VAL A 295 3.12 2.96 -32.29
N GLU A 296 4.27 2.37 -32.00
CA GLU A 296 4.63 1.08 -32.59
C GLU A 296 3.60 0.01 -32.22
N CYS A 297 3.21 0.00 -30.95
CA CYS A 297 2.25 -0.96 -30.43
C CYS A 297 0.89 -0.78 -31.09
N ALA A 298 0.41 0.45 -31.14
CA ALA A 298 -0.88 0.73 -31.74
C ALA A 298 -0.95 0.25 -33.19
N LEU A 299 0.10 0.53 -33.96
CA LEU A 299 0.14 0.07 -35.34
C LEU A 299 0.04 -1.46 -35.43
N LYS A 300 0.80 -2.15 -34.60
CA LYS A 300 0.75 -3.62 -34.60
C LYS A 300 -0.61 -4.16 -34.16
N LEU A 301 -1.22 -3.55 -33.14
CA LEU A 301 -2.51 -4.03 -32.70
C LEU A 301 -3.55 -3.95 -33.80
N GLN A 302 -3.57 -2.86 -34.54
N GLN A 302 -3.54 -2.87 -34.55
CA GLN A 302 -4.56 -2.69 -35.60
CA GLN A 302 -4.44 -2.73 -35.70
C GLN A 302 -4.29 -3.62 -36.80
C GLN A 302 -4.09 -3.77 -36.75
N ASP A 303 -3.03 -3.87 -37.11
N ASP A 303 -2.84 -3.72 -37.19
CA ASP A 303 -2.71 -4.64 -38.33
CA ASP A 303 -2.35 -4.55 -38.29
C ASP A 303 -2.54 -6.14 -38.12
C ASP A 303 -2.54 -6.05 -38.02
N ARG A 304 -2.21 -6.55 -36.90
N ARG A 304 -2.04 -6.51 -36.89
CA ARG A 304 -1.98 -7.98 -36.63
CA ARG A 304 -1.94 -7.95 -36.60
C ARG A 304 -3.09 -8.61 -35.79
C ARG A 304 -3.14 -8.59 -35.89
N TYR A 305 -3.90 -7.78 -35.15
CA TYR A 305 -4.98 -8.27 -34.28
C TYR A 305 -6.35 -7.71 -34.61
N GLY A 306 -6.42 -6.88 -35.64
CA GLY A 306 -7.71 -6.36 -36.12
C GLY A 306 -8.41 -5.40 -35.17
N ILE A 307 -7.64 -4.77 -34.31
N ILE A 307 -7.66 -4.74 -34.30
CA ILE A 307 -8.18 -3.85 -33.32
CA ILE A 307 -8.28 -3.85 -33.31
C ILE A 307 -8.42 -2.51 -34.00
C ILE A 307 -8.37 -2.41 -33.82
N ARG A 308 -9.55 -1.88 -33.72
N ARG A 308 -9.56 -1.84 -33.71
CA ARG A 308 -9.83 -0.57 -34.29
CA ARG A 308 -9.79 -0.46 -34.16
C ARG A 308 -8.81 0.46 -33.82
C ARG A 308 -8.70 0.50 -33.71
N GLU A 309 -8.53 1.42 -34.69
N GLU A 309 -8.35 1.44 -34.59
CA GLU A 309 -7.42 2.36 -34.49
CA GLU A 309 -7.30 2.42 -34.32
C GLU A 309 -7.42 3.06 -33.12
C GLU A 309 -7.42 3.09 -32.95
N ASP A 310 -8.58 3.54 -32.68
N ASP A 310 -8.61 3.62 -32.64
CA ASP A 310 -8.65 4.31 -31.44
CA ASP A 310 -8.80 4.36 -31.39
C ASP A 310 -8.46 3.42 -30.21
C ASP A 310 -8.52 3.44 -30.19
N VAL A 311 -9.06 2.24 -30.24
CA VAL A 311 -8.91 1.28 -29.15
C VAL A 311 -7.47 0.82 -29.07
N ALA A 312 -6.84 0.64 -30.23
CA ALA A 312 -5.45 0.22 -30.29
C ALA A 312 -4.52 1.21 -29.57
N LEU A 313 -4.76 2.49 -29.80
N LEU A 313 -4.74 2.50 -29.82
CA LEU A 313 -3.96 3.52 -29.16
CA LEU A 313 -3.95 3.53 -29.14
C LEU A 313 -4.25 3.59 -27.66
C LEU A 313 -4.24 3.55 -27.64
N CYS A 314 -5.51 3.43 -27.28
CA CYS A 314 -5.88 3.42 -25.87
C CYS A 314 -5.17 2.29 -25.11
N LEU A 315 -5.18 1.10 -25.70
CA LEU A 315 -4.55 -0.06 -25.05
C LEU A 315 -3.04 0.13 -25.00
N ALA A 316 -2.47 0.61 -26.11
CA ALA A 316 -1.03 0.88 -26.15
C ALA A 316 -0.60 1.84 -25.05
N ARG A 317 -1.39 2.88 -24.83
N ARG A 317 -1.35 2.92 -24.85
CA ARG A 317 -1.07 3.89 -23.83
CA ARG A 317 -1.01 3.89 -23.80
C ARG A 317 -1.12 3.31 -22.41
C ARG A 317 -1.08 3.25 -22.40
N ALA A 318 -2.17 2.53 -22.14
CA ALA A 318 -2.41 1.97 -20.81
C ALA A 318 -1.39 0.95 -20.39
N PHE A 319 -0.77 0.29 -21.36
CA PHE A 319 0.18 -0.79 -21.10
C PHE A 319 1.58 -0.49 -21.61
N ASP A 320 1.88 0.80 -21.77
CA ASP A 320 3.21 1.26 -22.15
C ASP A 320 3.74 0.53 -23.37
N GLY A 321 2.85 0.27 -24.32
CA GLY A 321 3.24 -0.32 -25.59
C GLY A 321 3.56 -1.80 -25.58
N SER A 322 3.18 -2.52 -24.54
CA SER A 322 3.45 -3.97 -24.43
C SER A 322 2.27 -4.81 -24.88
N ILE A 323 2.39 -5.40 -26.06
CA ILE A 323 1.37 -6.33 -26.53
C ILE A 323 1.26 -7.52 -25.59
N SER A 324 2.40 -8.02 -25.11
CA SER A 324 2.39 -9.19 -24.22
C SER A 324 1.61 -8.93 -22.95
N MET A 325 1.80 -7.76 -22.35
N MET A 325 1.72 -7.75 -22.38
CA MET A 325 1.00 -7.36 -21.18
CA MET A 325 0.93 -7.48 -21.19
C MET A 325 -0.50 -7.37 -21.53
C MET A 325 -0.55 -7.29 -21.48
N ILE A 326 -0.86 -6.65 -22.59
CA ILE A 326 -2.28 -6.55 -23.01
C ILE A 326 -2.86 -7.96 -23.18
N ALA A 327 -2.07 -8.82 -23.81
CA ALA A 327 -2.46 -10.18 -24.17
C ALA A 327 -2.65 -11.11 -23.01
N THR A 328 -2.26 -10.69 -21.81
CA THR A 328 -2.38 -11.50 -20.60
C THR A 328 -3.19 -10.79 -19.49
N THR A 329 -4.02 -9.82 -19.90
CA THR A 329 -4.78 -9.01 -18.96
C THR A 329 -6.27 -9.41 -19.02
N PRO A 330 -6.96 -9.43 -17.86
CA PRO A 330 -8.40 -9.72 -17.89
C PRO A 330 -9.21 -8.73 -18.73
N TYR A 331 -10.27 -9.24 -19.34
CA TYR A 331 -11.18 -8.40 -20.13
C TYR A 331 -11.69 -7.17 -19.40
N ARG A 332 -12.16 -7.35 -18.17
N ARG A 332 -12.17 -7.32 -18.18
CA ARG A 332 -12.70 -6.25 -17.37
CA ARG A 332 -12.74 -6.16 -17.48
C ARG A 332 -11.67 -5.14 -17.19
C ARG A 332 -11.67 -5.11 -17.18
N THR A 333 -10.43 -5.53 -16.92
CA THR A 333 -9.34 -4.58 -16.71
C THR A 333 -9.07 -3.78 -17.98
N LEU A 334 -9.03 -4.47 -19.13
CA LEU A 334 -8.88 -3.81 -20.43
C LEU A 334 -10.05 -2.86 -20.75
N LYS A 335 -11.27 -3.34 -20.52
N LYS A 335 -11.26 -3.33 -20.50
CA LYS A 335 -12.47 -2.52 -20.76
CA LYS A 335 -12.46 -2.55 -20.78
C LYS A 335 -12.52 -1.29 -19.88
C LYS A 335 -12.63 -1.34 -19.86
N ASP A 336 -12.12 -1.45 -18.63
CA ASP A 336 -12.14 -0.33 -17.68
C ASP A 336 -11.33 0.85 -18.17
N VAL A 337 -10.16 0.59 -18.77
N VAL A 337 -10.18 0.57 -18.80
CA VAL A 337 -9.32 1.66 -19.31
CA VAL A 337 -9.31 1.63 -19.30
C VAL A 337 -9.75 2.06 -20.73
C VAL A 337 -9.64 2.02 -20.75
N CYS A 338 -10.24 1.11 -21.51
CA CYS A 338 -10.62 1.37 -22.90
C CYS A 338 -12.07 0.93 -23.17
N PRO A 339 -13.03 1.82 -22.86
CA PRO A 339 -14.45 1.47 -22.90
C PRO A 339 -14.98 0.94 -24.23
N ASP A 340 -14.39 1.34 -25.33
CA ASP A 340 -14.91 0.94 -26.64
C ASP A 340 -14.41 -0.42 -27.07
N LEU A 341 -13.45 -0.99 -26.35
CA LEU A 341 -12.98 -2.34 -26.63
C LEU A 341 -14.16 -3.31 -26.69
N THR A 342 -14.17 -4.16 -27.71
CA THR A 342 -15.19 -5.21 -27.79
C THR A 342 -14.63 -6.52 -27.25
N LEU A 343 -15.51 -7.41 -26.84
CA LEU A 343 -15.09 -8.73 -26.42
C LEU A 343 -14.35 -9.48 -27.53
N GLU A 344 -14.83 -9.30 -28.77
N GLU A 344 -14.77 -9.33 -28.78
CA GLU A 344 -14.19 -9.86 -29.96
CA GLU A 344 -14.08 -10.01 -29.87
C GLU A 344 -12.72 -9.43 -30.05
C GLU A 344 -12.67 -9.44 -30.11
N GLU A 345 -12.49 -8.13 -29.94
CA GLU A 345 -11.14 -7.57 -29.98
C GLU A 345 -10.28 -8.10 -28.83
N ALA A 346 -10.83 -8.18 -27.63
CA ALA A 346 -10.09 -8.69 -26.48
C ALA A 346 -9.68 -10.14 -26.70
N LYS A 347 -10.55 -10.93 -27.31
CA LYS A 347 -10.26 -12.33 -27.63
C LYS A 347 -9.20 -12.46 -28.71
N SER A 348 -9.12 -11.50 -29.62
CA SER A 348 -8.09 -11.52 -30.66
C SER A 348 -6.69 -11.34 -30.07
N VAL A 349 -6.53 -10.42 -29.13
CA VAL A 349 -5.22 -10.14 -28.56
C VAL A 349 -4.89 -11.05 -27.37
N ASN A 350 -5.90 -11.38 -26.56
CA ASN A 350 -5.73 -12.32 -25.45
C ASN A 350 -6.43 -13.63 -25.80
N ARG A 351 -5.67 -14.56 -26.37
N ARG A 351 -5.70 -14.56 -26.40
CA ARG A 351 -6.22 -15.80 -26.85
CA ARG A 351 -6.28 -15.82 -26.86
C ARG A 351 -6.68 -16.70 -25.69
C ARG A 351 -6.66 -16.74 -25.69
N THR A 352 -6.13 -16.47 -24.50
CA THR A 352 -6.59 -17.18 -23.29
C THR A 352 -8.08 -16.92 -23.06
N LEU A 353 -8.48 -15.67 -23.23
N LEU A 353 -8.50 -15.66 -23.22
CA LEU A 353 -9.89 -15.29 -23.13
CA LEU A 353 -9.92 -15.33 -23.16
C LEU A 353 -10.74 -16.05 -24.17
C LEU A 353 -10.71 -16.13 -24.17
N ALA A 354 -10.21 -16.18 -25.40
CA ALA A 354 -10.88 -16.90 -26.45
C ALA A 354 -11.05 -18.36 -26.07
N THR A 355 -9.98 -18.99 -25.57
CA THR A 355 -10.03 -20.40 -25.22
C THR A 355 -11.00 -20.66 -24.07
N LEU A 356 -10.90 -19.86 -23.01
CA LEU A 356 -11.75 -20.04 -21.84
C LEU A 356 -13.23 -19.86 -22.14
N ILE A 357 -13.56 -18.80 -22.87
CA ILE A 357 -14.95 -18.46 -23.15
C ILE A 357 -15.50 -19.30 -24.31
N ASP A 358 -14.81 -19.32 -25.44
CA ASP A 358 -15.34 -19.94 -26.67
C ASP A 358 -15.23 -21.46 -26.67
N GLU A 359 -14.15 -21.99 -26.11
CA GLU A 359 -13.91 -23.43 -26.14
C GLU A 359 -14.29 -24.14 -24.85
N HIS A 360 -14.04 -23.51 -23.69
CA HIS A 360 -14.32 -24.15 -22.39
C HIS A 360 -15.66 -23.69 -21.78
N GLY A 361 -16.29 -22.67 -22.38
CA GLY A 361 -17.62 -22.22 -21.97
C GLY A 361 -17.74 -21.42 -20.68
N LEU A 362 -16.66 -20.79 -20.23
CA LEU A 362 -16.73 -19.90 -19.06
C LEU A 362 -17.36 -18.56 -19.39
N SER A 363 -18.02 -17.96 -18.41
CA SER A 363 -18.43 -16.57 -18.50
C SER A 363 -17.17 -15.72 -18.55
N PRO A 364 -17.24 -14.51 -19.13
CA PRO A 364 -16.10 -13.61 -19.06
C PRO A 364 -15.62 -13.38 -17.62
N ASP A 365 -16.54 -13.25 -16.67
CA ASP A 365 -16.14 -13.00 -15.29
C ASP A 365 -15.33 -14.16 -14.68
N ALA A 366 -15.75 -15.40 -14.92
CA ALA A 366 -14.98 -16.56 -14.43
C ALA A 366 -13.64 -16.68 -15.15
N ALA A 367 -13.63 -16.41 -16.44
CA ALA A 367 -12.39 -16.36 -17.20
C ALA A 367 -11.45 -15.30 -16.61
N ASP A 368 -11.99 -14.13 -16.32
CA ASP A 368 -11.20 -13.05 -15.73
C ASP A 368 -10.63 -13.40 -14.35
N GLU A 369 -11.36 -14.17 -13.52
CA GLU A 369 -10.80 -14.63 -12.25
C GLU A 369 -9.53 -15.43 -12.45
N LEU A 370 -9.59 -16.34 -13.40
CA LEU A 370 -8.45 -17.20 -13.68
C LEU A 370 -7.27 -16.41 -14.25
N ILE A 371 -7.55 -15.54 -15.21
CA ILE A 371 -6.50 -14.71 -15.81
C ILE A 371 -5.80 -13.83 -14.75
N GLU A 372 -6.56 -13.24 -13.84
N GLU A 372 -6.58 -13.27 -13.83
CA GLU A 372 -5.98 -12.41 -12.77
CA GLU A 372 -6.04 -12.37 -12.80
C GLU A 372 -5.16 -13.25 -11.79
C GLU A 372 -5.27 -13.11 -11.72
N HIS A 373 -5.78 -14.25 -11.20
N HIS A 373 -5.76 -14.26 -11.28
CA HIS A 373 -5.15 -14.97 -10.11
CA HIS A 373 -5.16 -14.94 -10.13
C HIS A 373 -4.03 -15.90 -10.56
C HIS A 373 -4.18 -16.06 -10.47
N PHE A 374 -4.18 -16.53 -11.71
CA PHE A 374 -3.26 -17.58 -12.15
C PHE A 374 -2.44 -17.24 -13.40
N GLU A 375 -2.88 -16.22 -14.15
CA GLU A 375 -2.25 -15.80 -15.39
C GLU A 375 -1.69 -17.00 -16.18
N VAL B 4 -25.42 12.21 27.95
CA VAL B 4 -24.79 12.09 29.29
C VAL B 4 -23.55 11.20 29.21
N TYR B 5 -22.51 11.63 29.91
CA TYR B 5 -21.30 10.82 30.11
C TYR B 5 -21.07 10.73 31.60
N ASP B 6 -20.93 9.53 32.14
CA ASP B 6 -20.63 9.41 33.57
C ASP B 6 -20.12 8.01 33.86
N ALA B 7 -19.62 7.81 35.08
CA ALA B 7 -19.21 6.49 35.52
C ALA B 7 -19.02 6.60 36.98
N GLU B 8 -19.19 5.47 37.68
CA GLU B 8 -18.96 5.36 39.11
C GLU B 8 -17.66 4.64 39.39
N PHE B 9 -16.84 5.20 40.26
CA PHE B 9 -15.64 4.54 40.73
C PHE B 9 -15.99 3.64 41.88
N VAL B 10 -15.69 2.34 41.75
CA VAL B 10 -16.06 1.36 42.77
C VAL B 10 -14.87 0.74 43.49
N GLY B 11 -13.66 1.12 43.10
CA GLY B 11 -12.47 0.65 43.79
C GLY B 11 -12.16 1.37 45.09
N SER B 12 -11.03 1.01 45.69
CA SER B 12 -10.56 1.59 46.93
C SER B 12 -9.92 2.95 46.70
N GLU B 13 -9.60 3.67 47.77
CA GLU B 13 -8.96 4.98 47.62
C GLU B 13 -7.56 4.86 46.98
N ARG B 14 -6.82 3.82 47.32
CA ARG B 14 -5.51 3.59 46.71
C ARG B 14 -5.70 3.34 45.23
N GLU B 15 -6.68 2.55 44.87
CA GLU B 15 -6.97 2.27 43.45
C GLU B 15 -7.40 3.53 42.70
N PHE B 16 -8.13 4.41 43.37
CA PHE B 16 -8.57 5.68 42.80
C PHE B 16 -7.35 6.53 42.44
N GLU B 17 -6.39 6.58 43.37
CA GLU B 17 -5.18 7.35 43.12
C GLU B 17 -4.37 6.75 41.97
N GLU B 18 -4.30 5.43 41.92
N GLU B 18 -4.27 5.43 41.91
CA GLU B 18 -3.60 4.73 40.85
CA GLU B 18 -3.58 4.75 40.80
C GLU B 18 -4.24 5.01 39.48
C GLU B 18 -4.25 5.07 39.47
N GLU B 19 -5.57 4.96 39.42
CA GLU B 19 -6.30 5.25 38.19
C GLU B 19 -6.13 6.71 37.75
N ARG B 20 -6.20 7.63 38.70
N ARG B 20 -6.21 7.64 38.70
CA ARG B 20 -6.00 9.04 38.39
CA ARG B 20 -6.02 9.04 38.38
C ARG B 20 -4.64 9.28 37.78
C ARG B 20 -4.63 9.29 37.80
N GLU B 21 -3.62 8.65 38.37
CA GLU B 21 -2.25 8.82 37.91
C GLU B 21 -2.12 8.31 36.47
N THR B 22 -2.65 7.13 36.19
CA THR B 22 -2.60 6.59 34.84
C THR B 22 -3.35 7.50 33.87
N PHE B 23 -4.54 7.93 34.24
CA PHE B 23 -5.35 8.74 33.37
C PHE B 23 -4.63 10.05 33.03
N LEU B 24 -4.05 10.68 34.04
CA LEU B 24 -3.36 11.96 33.82
C LEU B 24 -2.12 11.80 32.94
N LYS B 25 -1.43 10.68 33.03
N LYS B 25 -1.43 10.68 33.03
CA LYS B 25 -0.35 10.37 32.09
CA LYS B 25 -0.33 10.38 32.10
C LYS B 25 -0.91 10.27 30.68
C LYS B 25 -0.87 10.22 30.68
N GLY B 26 -2.01 9.54 30.51
CA GLY B 26 -2.66 9.44 29.22
C GLY B 26 -3.04 10.78 28.62
N VAL B 27 -3.60 11.66 29.46
CA VAL B 27 -3.92 13.02 29.04
C VAL B 27 -2.69 13.78 28.59
N LYS B 28 -1.60 13.66 29.34
CA LYS B 28 -0.35 14.31 28.98
C LYS B 28 0.19 13.78 27.65
N ALA B 29 0.10 12.47 27.44
CA ALA B 29 0.52 11.90 26.18
C ALA B 29 -0.37 12.40 25.04
N TYR B 30 -1.67 12.43 25.27
CA TYR B 30 -2.59 12.85 24.23
C TYR B 30 -2.39 14.32 23.91
N ASP B 31 -2.08 15.15 24.90
CA ASP B 31 -1.75 16.55 24.63
C ASP B 31 -0.62 16.65 23.62
N GLY B 32 0.31 15.70 23.66
CA GLY B 32 1.39 15.65 22.69
C GLY B 32 0.94 15.30 21.28
N VAL B 33 -0.02 14.38 21.20
CA VAL B 33 -0.64 14.08 19.91
C VAL B 33 -1.24 15.37 19.32
N LEU B 34 -1.96 16.10 20.16
CA LEU B 34 -2.58 17.35 19.73
C LEU B 34 -1.57 18.43 19.39
N ALA B 35 -0.55 18.60 20.23
CA ALA B 35 0.42 19.66 20.01
C ALA B 35 1.27 19.40 18.75
N THR B 36 1.64 18.14 18.50
CA THR B 36 2.34 17.80 17.26
C THR B 36 1.45 18.03 16.04
N ARG B 37 0.16 17.69 16.12
N ARG B 37 0.17 17.69 16.12
CA ARG B 37 -0.77 18.02 15.03
CA ARG B 37 -0.77 18.03 15.04
C ARG B 37 -0.83 19.52 14.80
C ARG B 37 -0.79 19.53 14.80
N TYR B 38 -0.82 20.29 15.88
CA TYR B 38 -0.83 21.75 15.78
C TYR B 38 0.40 22.24 14.99
N LEU B 39 1.56 21.68 15.30
N LEU B 39 1.58 21.71 15.28
CA LEU B 39 2.78 22.05 14.62
CA LEU B 39 2.77 22.10 14.53
C LEU B 39 2.75 21.63 13.14
C LEU B 39 2.70 21.73 13.07
N MET B 40 2.16 20.48 12.85
N MET B 40 2.18 20.55 12.76
CA MET B 40 2.11 19.97 11.48
CA MET B 40 2.10 20.12 11.36
C MET B 40 1.26 20.87 10.57
C MET B 40 1.33 21.11 10.53
N GLU B 41 0.39 21.67 11.15
N GLU B 41 0.27 21.67 11.11
CA GLU B 41 -0.48 22.56 10.37
CA GLU B 41 -0.58 22.64 10.39
C GLU B 41 0.09 23.96 10.15
C GLU B 41 0.13 23.95 10.05
N ARG B 42 1.32 24.20 10.61
CA ARG B 42 1.99 25.50 10.43
C ARG B 42 2.45 25.74 9.00
N SER B 43 2.80 24.67 8.29
CA SER B 43 3.33 24.77 6.92
C SER B 43 3.45 23.40 6.28
N SER B 44 3.62 23.39 4.95
CA SER B 44 3.86 22.17 4.21
C SER B 44 5.15 21.51 4.70
N SER B 45 6.16 22.31 5.03
CA SER B 45 7.42 21.79 5.53
C SER B 45 7.18 20.99 6.80
N ALA B 46 6.40 21.56 7.71
CA ALA B 46 6.10 20.89 8.98
C ALA B 46 5.31 19.62 8.72
N LYS B 47 4.33 19.67 7.83
CA LYS B 47 3.50 18.52 7.55
C LYS B 47 4.31 17.36 6.96
N ASN B 48 5.38 17.69 6.24
CA ASN B 48 6.25 16.71 5.59
C ASN B 48 7.52 16.37 6.38
N ASP B 49 7.60 16.88 7.59
CA ASP B 49 8.79 16.72 8.44
C ASP B 49 8.74 15.34 9.11
N GLU B 50 9.62 14.44 8.72
CA GLU B 50 9.59 13.07 9.20
C GLU B 50 9.94 12.96 10.70
N GLU B 51 10.75 13.89 11.19
CA GLU B 51 11.04 13.94 12.63
C GLU B 51 9.79 14.27 13.42
N LEU B 52 9.05 15.26 12.94
CA LEU B 52 7.80 15.64 13.57
C LEU B 52 6.75 14.52 13.49
N LEU B 53 6.68 13.84 12.34
CA LEU B 53 5.75 12.73 12.22
C LEU B 53 6.08 11.63 13.20
N GLU B 54 7.35 11.28 13.33
CA GLU B 54 7.74 10.23 14.27
C GLU B 54 7.45 10.64 15.72
N LEU B 55 7.65 11.92 16.06
CA LEU B 55 7.32 12.42 17.39
C LEU B 55 5.82 12.28 17.65
N HIS B 56 5.02 12.71 16.69
CA HIS B 56 3.57 12.54 16.76
C HIS B 56 3.21 11.07 17.00
N GLN B 57 3.81 10.18 16.22
CA GLN B 57 3.54 8.75 16.36
C GLN B 57 3.98 8.19 17.72
N ASN B 58 5.08 8.70 18.26
CA ASN B 58 5.49 8.29 19.59
C ASN B 58 4.49 8.71 20.65
N PHE B 59 3.94 9.91 20.51
CA PHE B 59 2.87 10.32 21.40
C PHE B 59 1.63 9.43 21.25
N ILE B 60 1.31 9.02 20.02
CA ILE B 60 0.18 8.09 19.83
C ILE B 60 0.45 6.77 20.57
N LEU B 61 1.66 6.26 20.49
CA LEU B 61 2.00 5.03 21.19
C LEU B 61 1.87 5.15 22.68
N LEU B 62 2.43 6.21 23.25
CA LEU B 62 2.36 6.35 24.70
C LEU B 62 0.91 6.61 25.16
N THR B 63 0.11 7.36 24.39
CA THR B 63 -1.29 7.53 24.74
C THR B 63 -1.95 6.14 24.80
N GLY B 64 -1.68 5.31 23.80
CA GLY B 64 -2.23 3.97 23.76
C GLY B 64 -1.76 3.12 24.92
N SER B 65 -0.48 3.21 25.26
CA SER B 65 0.07 2.44 26.36
C SER B 65 -0.61 2.79 27.67
N TYR B 66 -0.70 4.08 27.98
CA TYR B 66 -1.37 4.47 29.20
C TYR B 66 -2.84 4.09 29.18
N ALA B 67 -3.50 4.23 28.04
CA ALA B 67 -4.91 3.82 27.94
C ALA B 67 -5.09 2.32 28.21
N CYS B 68 -4.15 1.52 27.72
CA CYS B 68 -4.15 0.07 27.99
C CYS B 68 -4.11 -0.23 29.49
N SER B 69 -3.49 0.67 30.27
CA SER B 69 -3.33 0.52 31.71
C SER B 69 -4.51 1.02 32.54
N ILE B 70 -5.49 1.66 31.92
N ILE B 70 -5.50 1.65 31.91
CA ILE B 70 -6.70 2.03 32.64
CA ILE B 70 -6.72 2.04 32.62
C ILE B 70 -7.40 0.76 33.09
C ILE B 70 -7.48 0.79 33.05
N ASP B 71 -7.92 0.75 34.31
CA ASP B 71 -8.72 -0.37 34.82
C ASP B 71 -8.04 -1.74 34.60
N PRO B 72 -6.81 -1.89 35.12
CA PRO B 72 -6.06 -3.11 34.82
C PRO B 72 -6.70 -4.39 35.30
N THR B 73 -7.45 -4.32 36.40
CA THR B 73 -8.18 -5.45 36.97
C THR B 73 -9.62 -5.60 36.43
N GLU B 74 -10.06 -4.68 35.57
N GLU B 74 -10.04 -4.64 35.61
CA GLU B 74 -11.37 -4.73 34.91
CA GLU B 74 -11.32 -4.65 34.89
C GLU B 74 -12.54 -4.73 35.89
C GLU B 74 -12.57 -4.51 35.77
N ASP B 75 -12.37 -4.04 37.01
CA ASP B 75 -13.39 -4.04 38.04
C ASP B 75 -13.38 -2.80 38.95
N ARG B 76 -12.82 -1.69 38.47
CA ARG B 76 -12.72 -0.49 39.27
C ARG B 76 -13.84 0.51 38.96
N TYR B 77 -14.62 0.26 37.92
CA TYR B 77 -15.69 1.17 37.49
C TYR B 77 -17.01 0.43 37.39
N GLN B 78 -18.10 1.18 37.51
CA GLN B 78 -19.42 0.63 37.29
C GLN B 78 -20.28 1.66 36.61
N ASN B 79 -21.25 1.19 35.82
CA ASN B 79 -22.17 2.05 35.12
C ASN B 79 -21.50 3.15 34.35
N VAL B 80 -20.62 2.71 33.45
CA VAL B 80 -19.92 3.61 32.53
C VAL B 80 -20.87 3.95 31.40
N ILE B 81 -21.26 5.22 31.33
CA ILE B 81 -22.29 5.68 30.43
C ILE B 81 -21.69 6.65 29.43
N VAL B 82 -21.85 6.33 28.14
CA VAL B 82 -21.31 7.14 27.04
C VAL B 82 -22.48 7.47 26.12
N ARG B 83 -22.75 8.77 25.99
N ARG B 83 -22.77 8.76 25.97
CA ARG B 83 -23.90 9.28 25.25
CA ARG B 83 -23.91 9.19 25.14
C ARG B 83 -25.16 8.48 25.59
C ARG B 83 -25.21 8.52 25.59
N GLY B 84 -25.38 8.36 26.90
CA GLY B 84 -26.58 7.77 27.46
C GLY B 84 -26.62 6.25 27.45
N VAL B 85 -25.59 5.59 26.93
CA VAL B 85 -25.60 4.15 26.75
C VAL B 85 -24.70 3.51 27.79
N ASN B 86 -25.21 2.48 28.48
CA ASN B 86 -24.47 1.84 29.55
C ASN B 86 -23.52 0.78 29.00
N PHE B 87 -22.25 1.13 28.97
CA PHE B 87 -21.23 0.26 28.43
C PHE B 87 -20.83 -0.90 29.35
N ASP B 88 -21.13 -0.75 30.63
N ASP B 88 -21.12 -0.81 30.66
CA ASP B 88 -20.97 -1.81 31.58
CA ASP B 88 -21.01 -1.99 31.54
C ASP B 88 -21.90 -3.00 31.20
C ASP B 88 -21.89 -3.06 31.01
N GLU B 89 -23.17 -2.71 30.90
CA GLU B 89 -24.13 -3.69 30.48
C GLU B 89 -23.71 -4.32 29.16
N ARG B 90 -23.21 -3.52 28.22
N ARG B 90 -23.17 -3.49 28.27
CA ARG B 90 -22.80 -4.08 26.96
CA ARG B 90 -22.72 -3.95 26.96
C ARG B 90 -21.69 -5.10 27.16
C ARG B 90 -21.60 -4.99 27.05
N VAL B 91 -20.62 -4.68 27.83
N VAL B 91 -20.60 -4.74 27.89
CA VAL B 91 -19.48 -5.55 27.99
CA VAL B 91 -19.49 -5.68 27.97
C VAL B 91 -19.87 -6.86 28.67
C VAL B 91 -19.90 -6.96 28.71
N GLN B 92 -20.87 -6.81 29.56
N GLN B 92 -20.92 -6.87 29.57
CA GLN B 92 -21.31 -8.01 30.26
CA GLN B 92 -21.45 -8.04 30.24
C GLN B 92 -22.01 -9.04 29.36
C GLN B 92 -22.02 -9.05 29.26
N ARG B 93 -22.39 -8.62 28.14
N ARG B 93 -22.40 -8.58 28.08
CA ARG B 93 -22.94 -9.56 27.16
CA ARG B 93 -23.00 -9.46 27.09
C ARG B 93 -22.04 -9.72 25.93
C ARG B 93 -22.01 -9.85 25.97
N LEU B 94 -20.76 -9.41 26.10
CA LEU B 94 -19.73 -9.76 25.14
C LEU B 94 -19.02 -10.99 25.63
N SER B 95 -18.83 -11.95 24.74
CA SER B 95 -18.28 -13.24 25.13
C SER B 95 -16.97 -13.17 25.89
N THR B 96 -16.12 -12.19 25.57
CA THR B 96 -14.83 -12.02 26.23
C THR B 96 -14.82 -10.95 27.31
N GLY B 97 -15.94 -10.29 27.55
CA GLY B 97 -16.03 -9.32 28.65
C GLY B 97 -14.97 -8.25 28.54
N GLY B 98 -14.33 -7.91 29.65
N GLY B 98 -14.36 -7.89 29.67
CA GLY B 98 -13.29 -6.89 29.68
CA GLY B 98 -13.34 -6.87 29.72
C GLY B 98 -13.64 -5.69 30.55
C GLY B 98 -13.79 -5.56 30.32
N SER B 99 -12.87 -4.62 30.39
CA SER B 99 -13.10 -3.39 31.13
C SER B 99 -14.09 -2.50 30.40
N PRO B 100 -15.16 -2.10 31.09
CA PRO B 100 -16.06 -1.11 30.46
C PRO B 100 -15.42 0.27 30.35
N ALA B 101 -14.43 0.57 31.18
CA ALA B 101 -13.73 1.87 31.12
C ALA B 101 -12.90 1.97 29.86
N ARG B 102 -12.10 0.95 29.57
CA ARG B 102 -11.34 0.96 28.34
C ARG B 102 -12.24 0.86 27.13
N TYR B 103 -13.32 0.09 27.23
CA TYR B 103 -14.27 0.00 26.14
C TYR B 103 -14.77 1.40 25.80
N ALA B 104 -15.10 2.19 26.81
CA ALA B 104 -15.52 3.57 26.59
C ALA B 104 -14.43 4.45 25.96
N ILE B 105 -13.20 4.31 26.41
N ILE B 105 -13.18 4.27 26.39
CA ILE B 105 -12.12 5.19 25.92
CA ILE B 105 -12.11 5.16 25.96
C ILE B 105 -11.90 5.03 24.41
C ILE B 105 -11.78 5.01 24.48
N VAL B 106 -12.17 3.85 23.87
N VAL B 106 -12.16 3.89 23.88
CA VAL B 106 -12.01 3.62 22.42
CA VAL B 106 -11.94 3.71 22.44
C VAL B 106 -13.08 4.28 21.56
C VAL B 106 -12.95 4.49 21.62
N TYR B 107 -14.12 4.82 22.19
CA TYR B 107 -15.13 5.66 21.51
C TYR B 107 -14.76 7.13 21.63
N ARG B 108 -15.11 7.90 20.60
N ARG B 108 -15.03 7.91 20.58
CA ARG B 108 -15.06 9.36 20.66
CA ARG B 108 -14.84 9.36 20.63
C ARG B 108 -15.68 9.88 21.93
C ARG B 108 -15.57 9.95 21.82
N ARG B 109 -14.92 10.70 22.65
N ARG B 109 -14.84 10.73 22.62
CA ARG B 109 -15.46 11.39 23.78
CA ARG B 109 -15.36 11.40 23.82
C ARG B 109 -15.73 10.47 24.97
C ARG B 109 -15.70 10.47 24.97
N GLY B 110 -15.42 9.18 24.84
CA GLY B 110 -15.66 8.23 25.94
C GLY B 110 -14.88 8.61 27.18
N TRP B 111 -13.72 9.24 26.99
CA TRP B 111 -12.97 9.75 28.12
C TRP B 111 -13.74 10.61 29.10
N ARG B 112 -14.79 11.28 28.61
N ARG B 112 -14.78 11.29 28.62
CA ARG B 112 -15.61 12.14 29.45
CA ARG B 112 -15.56 12.15 29.49
C ARG B 112 -16.27 11.40 30.61
C ARG B 112 -16.18 11.36 30.65
N ALA B 113 -16.62 10.13 30.39
CA ALA B 113 -17.21 9.29 31.45
C ALA B 113 -16.18 8.97 32.52
N ILE B 114 -14.98 8.60 32.08
CA ILE B 114 -13.95 8.15 33.01
C ILE B 114 -13.36 9.33 33.80
N ALA B 115 -13.18 10.46 33.11
CA ALA B 115 -12.73 11.70 33.76
C ALA B 115 -13.64 12.09 34.91
N LYS B 116 -14.94 11.90 34.73
N LYS B 116 -14.96 11.93 34.72
CA LYS B 116 -15.90 12.21 35.79
CA LYS B 116 -15.91 12.22 35.79
C LYS B 116 -15.80 11.27 36.98
C LYS B 116 -15.72 11.29 36.97
N ALA B 117 -15.62 9.98 36.71
CA ALA B 117 -15.41 8.99 37.77
C ALA B 117 -14.16 9.32 38.58
N LEU B 118 -13.13 9.88 37.94
CA LEU B 118 -11.86 10.13 38.59
C LEU B 118 -11.65 11.57 39.09
N ASP B 119 -12.67 12.40 39.00
CA ASP B 119 -12.57 13.82 39.42
C ASP B 119 -11.41 14.56 38.77
N ILE B 120 -11.25 14.39 37.46
CA ILE B 120 -10.14 15.03 36.74
C ILE B 120 -10.47 16.50 36.44
N GLU B 123 -6.16 19.45 34.03
N GLU B 123 -6.06 19.78 34.22
CA GLU B 123 -6.15 20.59 33.13
CA GLU B 123 -6.05 20.62 33.02
C GLU B 123 -7.48 20.70 32.41
C GLU B 123 -7.41 20.65 32.33
N ASP B 124 -7.61 21.70 31.55
CA ASP B 124 -8.83 21.89 30.76
C ASP B 124 -8.97 20.73 29.77
N VAL B 125 -10.21 20.27 29.60
CA VAL B 125 -10.54 19.22 28.64
C VAL B 125 -9.55 18.05 28.71
N PRO B 126 -9.61 17.25 29.80
CA PRO B 126 -8.68 16.15 30.04
C PRO B 126 -8.95 14.90 29.16
N ALA B 127 -8.76 15.11 27.87
CA ALA B 127 -9.10 14.16 26.85
C ALA B 127 -8.03 13.10 26.68
N ILE B 128 -8.50 11.90 26.39
CA ILE B 128 -7.70 10.80 25.85
C ILE B 128 -8.49 10.24 24.68
N GLU B 129 -7.91 10.28 23.50
CA GLU B 129 -8.48 9.61 22.33
C GLU B 129 -7.44 8.66 21.75
N VAL B 130 -7.93 7.56 21.18
CA VAL B 130 -7.07 6.50 20.65
C VAL B 130 -7.54 6.12 19.25
N ARG B 131 -7.94 7.09 18.46
CA ARG B 131 -8.59 6.78 17.16
C ARG B 131 -7.77 7.19 15.93
N ALA B 132 -6.52 7.56 16.09
CA ALA B 132 -5.72 7.96 14.93
C ALA B 132 -5.77 6.88 13.85
N VAL B 133 -5.91 7.31 12.60
CA VAL B 133 -5.94 6.41 11.45
C VAL B 133 -4.73 6.63 10.55
N LYS B 134 -4.73 7.64 9.69
CA LYS B 134 -3.70 7.76 8.65
C LYS B 134 -2.28 7.75 9.21
N ARG B 135 -2.10 8.47 10.31
CA ARG B 135 -0.76 8.61 10.89
C ARG B 135 -0.44 7.63 12.01
N ASN B 136 -1.34 6.70 12.31
CA ASN B 136 -1.07 5.72 13.36
C ASN B 136 0.12 4.84 12.98
N PRO B 137 1.10 4.65 13.89
CA PRO B 137 2.18 3.74 13.56
C PRO B 137 1.77 2.26 13.56
N LEU B 138 0.59 1.96 14.09
CA LEU B 138 0.04 0.63 14.03
C LEU B 138 -1.13 0.59 13.05
N GLN B 139 -1.44 -0.62 12.60
CA GLN B 139 -2.70 -0.84 11.88
C GLN B 139 -3.83 -0.32 12.78
N PRO B 140 -4.64 0.62 12.30
CA PRO B 140 -5.50 1.34 13.25
C PRO B 140 -6.50 0.50 14.05
N ALA B 141 -7.24 -0.41 13.41
CA ALA B 141 -8.17 -1.23 14.17
C ALA B 141 -7.45 -2.07 15.21
N LEU B 142 -6.26 -2.57 14.86
CA LEU B 142 -5.47 -3.32 15.83
C LEU B 142 -5.15 -2.47 17.06
N TYR B 143 -4.68 -1.24 16.85
CA TYR B 143 -4.37 -0.33 17.94
C TYR B 143 -5.55 -0.18 18.88
N ARG B 144 -6.73 0.02 18.29
CA ARG B 144 -7.95 0.20 19.08
C ARG B 144 -8.28 -1.06 19.89
N ILE B 145 -8.11 -2.21 19.29
CA ILE B 145 -8.36 -3.47 19.97
C ILE B 145 -7.33 -3.74 21.06
N LEU B 146 -6.08 -3.36 20.87
CA LEU B 146 -5.10 -3.49 21.96
C LEU B 146 -5.55 -2.70 23.18
N VAL B 147 -6.01 -1.48 22.97
CA VAL B 147 -6.53 -0.65 24.08
C VAL B 147 -7.72 -1.33 24.73
N ARG B 148 -8.70 -1.75 23.94
N ARG B 148 -8.71 -1.72 23.92
CA ARG B 148 -9.88 -2.40 24.47
CA ARG B 148 -9.86 -2.44 24.43
C ARG B 148 -9.54 -3.63 25.33
C ARG B 148 -9.44 -3.55 25.38
N TYR B 149 -8.52 -4.40 24.94
CA TYR B 149 -8.09 -5.56 25.72
C TYR B 149 -6.95 -5.29 26.71
N GLY B 150 -6.61 -4.03 26.92
CA GLY B 150 -5.63 -3.73 27.97
C GLY B 150 -4.27 -4.32 27.72
N ARG B 151 -3.87 -4.37 26.45
CA ARG B 151 -2.65 -5.09 26.08
C ARG B 151 -1.40 -4.23 26.20
N VAL B 152 -1.08 -3.86 27.44
CA VAL B 152 0.15 -3.12 27.75
C VAL B 152 1.37 -3.87 27.25
N ASP B 153 1.27 -5.20 27.27
CA ASP B 153 2.33 -6.08 26.75
C ASP B 153 2.60 -5.92 25.27
N LEU B 154 1.55 -5.73 24.47
CA LEU B 154 1.66 -5.69 23.02
C LEU B 154 1.84 -4.28 22.48
N MET B 155 1.36 -3.28 23.18
CA MET B 155 1.42 -1.90 22.68
C MET B 155 2.86 -1.43 22.73
N PRO B 156 3.47 -1.16 21.57
CA PRO B 156 4.86 -0.68 21.63
C PRO B 156 4.96 0.68 22.31
N VAL B 157 6.14 0.97 22.83
CA VAL B 157 6.38 2.27 23.47
C VAL B 157 7.32 3.19 22.68
N THR B 158 7.88 2.73 21.56
CA THR B 158 8.56 3.62 20.61
C THR B 158 8.28 3.19 19.19
N VAL B 159 8.29 4.15 18.27
CA VAL B 159 8.01 3.87 16.86
C VAL B 159 9.01 2.89 16.26
N ASP B 160 10.29 3.08 16.58
N ASP B 160 10.30 3.07 16.58
CA ASP B 160 11.31 2.20 16.04
CA ASP B 160 11.31 2.17 16.04
C ASP B 160 11.18 0.75 16.52
C ASP B 160 11.11 0.74 16.49
N GLU B 161 10.46 0.54 17.63
CA GLU B 161 10.23 -0.80 18.18
C GLU B 161 8.89 -1.42 17.78
N VAL B 162 8.11 -0.74 16.94
CA VAL B 162 6.86 -1.33 16.48
C VAL B 162 7.17 -2.56 15.62
N PRO B 163 6.69 -3.76 16.02
CA PRO B 163 6.91 -4.92 15.15
C PRO B 163 6.16 -4.75 13.82
N PRO B 164 6.80 -5.07 12.68
CA PRO B 164 6.03 -4.98 11.43
C PRO B 164 4.70 -5.75 11.43
N GLU B 165 4.60 -6.83 12.19
CA GLU B 165 3.36 -7.59 12.27
C GLU B 165 2.19 -6.83 12.91
N MET B 166 2.47 -5.67 13.53
N MET B 166 2.45 -5.64 13.44
CA MET B 166 1.42 -4.81 14.07
CA MET B 166 1.42 -4.80 14.03
C MET B 166 1.16 -3.59 13.17
C MET B 166 1.10 -3.62 13.13
N ALA B 167 1.75 -3.57 11.98
CA ALA B 167 1.64 -2.44 11.07
C ALA B 167 1.52 -2.98 9.63
N GLY B 168 2.50 -2.73 8.77
CA GLY B 168 2.36 -3.09 7.37
C GLY B 168 2.39 -4.57 7.10
N GLU B 169 2.89 -5.37 8.04
CA GLU B 169 2.89 -6.82 7.94
C GLU B 169 1.84 -7.45 8.84
N PHE B 170 0.71 -6.76 9.01
CA PHE B 170 -0.30 -7.18 9.98
C PHE B 170 -0.83 -8.60 9.76
N GLU B 171 -0.84 -9.08 8.53
N GLU B 171 -0.84 -9.07 8.52
CA GLU B 171 -1.38 -10.42 8.28
CA GLU B 171 -1.36 -10.42 8.28
C GLU B 171 -0.53 -11.51 8.93
C GLU B 171 -0.53 -11.51 8.93
N ARG B 172 0.74 -11.23 9.21
CA ARG B 172 1.60 -12.19 9.90
C ARG B 172 1.02 -12.51 11.28
N LEU B 173 0.51 -11.48 11.95
CA LEU B 173 -0.10 -11.69 13.26
C LEU B 173 -1.39 -12.48 13.14
N ILE B 174 -2.19 -12.15 12.14
CA ILE B 174 -3.44 -12.87 11.92
C ILE B 174 -3.20 -14.34 11.57
N GLU B 175 -2.25 -14.61 10.69
N GLU B 175 -2.28 -14.59 10.64
CA GLU B 175 -1.97 -15.98 10.23
CA GLU B 175 -1.99 -15.93 10.14
C GLU B 175 -1.32 -16.87 11.30
C GLU B 175 -1.47 -16.85 11.24
N ARG B 176 -0.85 -16.26 12.38
N ARG B 176 -0.64 -16.31 12.11
CA ARG B 176 -0.15 -17.00 13.42
CA ARG B 176 -0.04 -17.12 13.17
C ARG B 176 -1.07 -17.94 14.21
C ARG B 176 -1.12 -17.91 13.89
N TYR B 177 -2.38 -17.72 14.13
N TYR B 177 -2.22 -17.24 14.22
CA TYR B 177 -3.30 -18.50 14.95
CA TYR B 177 -3.22 -17.79 15.13
C TYR B 177 -4.42 -19.15 14.14
C TYR B 177 -4.38 -18.51 14.44
N ASP B 178 -4.39 -18.92 12.84
N ASP B 178 -4.27 -18.71 13.13
CA ASP B 178 -5.37 -19.54 11.97
CA ASP B 178 -5.20 -19.57 12.40
C ASP B 178 -6.74 -19.56 12.65
C ASP B 178 -6.63 -19.54 12.97
N VAL B 179 -7.24 -18.36 12.99
CA VAL B 179 -8.60 -18.21 13.50
C VAL B 179 -9.56 -18.26 12.32
N PRO B 180 -10.84 -18.57 12.58
CA PRO B 180 -11.77 -18.51 11.45
C PRO B 180 -11.95 -17.07 10.95
N ILE B 181 -12.09 -16.91 9.64
CA ILE B 181 -12.25 -15.63 8.99
C ILE B 181 -13.44 -15.78 8.05
N ASP B 182 -14.51 -15.02 8.27
CA ASP B 182 -15.68 -15.19 7.43
C ASP B 182 -15.55 -14.47 6.10
N GLU B 183 -16.50 -14.68 5.21
CA GLU B 183 -16.40 -14.14 3.86
C GLU B 183 -16.33 -12.61 3.85
N LYS B 184 -17.07 -11.96 4.73
CA LYS B 184 -17.06 -10.50 4.79
C LYS B 184 -15.72 -10.00 5.28
N GLU B 185 -15.18 -10.67 6.31
CA GLU B 185 -13.87 -10.33 6.82
C GLU B 185 -12.79 -10.47 5.75
N GLU B 186 -12.89 -11.51 4.91
N GLU B 186 -12.89 -11.50 4.91
CA GLU B 186 -11.94 -11.68 3.81
CA GLU B 186 -11.93 -11.67 3.83
C GLU B 186 -12.00 -10.50 2.83
C GLU B 186 -12.01 -10.51 2.81
N ARG B 187 -13.22 -10.04 2.53
CA ARG B 187 -13.40 -8.87 1.64
C ARG B 187 -12.77 -7.63 2.23
N ILE B 188 -12.87 -7.46 3.54
CA ILE B 188 -12.29 -6.32 4.25
C ILE B 188 -10.76 -6.43 4.20
N LEU B 189 -10.23 -7.62 4.47
CA LEU B 189 -8.78 -7.84 4.40
C LEU B 189 -8.21 -7.53 3.00
N GLU B 190 -8.97 -7.82 1.95
CA GLU B 190 -8.51 -7.52 0.59
C GLU B 190 -8.23 -6.03 0.41
N ILE B 191 -9.09 -5.19 0.97
CA ILE B 191 -8.92 -3.75 0.90
C ILE B 191 -7.73 -3.31 1.77
N LEU B 192 -7.61 -3.88 2.97
CA LEU B 192 -6.51 -3.54 3.87
C LEU B 192 -5.15 -3.96 3.33
N ARG B 193 -5.12 -4.98 2.46
CA ARG B 193 -3.90 -5.37 1.76
C ARG B 193 -3.40 -4.28 0.82
N GLU B 194 -4.31 -3.51 0.24
N GLU B 194 -4.31 -3.47 0.30
CA GLU B 194 -3.92 -2.34 -0.57
CA GLU B 194 -3.93 -2.36 -0.58
C GLU B 194 -3.27 -1.30 0.35
C GLU B 194 -3.45 -1.14 0.22
N ASN B 195 -3.95 -0.99 1.44
CA ASN B 195 -3.52 0.06 2.34
C ASN B 195 -4.04 -0.30 3.74
N PRO B 196 -3.14 -0.77 4.62
CA PRO B 196 -3.58 -1.11 5.97
C PRO B 196 -4.22 0.04 6.73
N TRP B 197 -4.02 1.28 6.29
CA TRP B 197 -4.53 2.46 6.95
C TRP B 197 -5.78 3.01 6.26
N THR B 198 -6.45 2.20 5.45
CA THR B 198 -7.69 2.64 4.80
C THR B 198 -8.76 2.92 5.85
N PRO B 199 -9.38 4.12 5.86
CA PRO B 199 -10.42 4.38 6.85
C PRO B 199 -11.63 3.47 6.68
N HIS B 200 -12.29 3.19 7.78
CA HIS B 200 -13.37 2.23 7.78
C HIS B 200 -14.54 2.67 6.90
N ASP B 201 -14.78 3.98 6.80
CA ASP B 201 -15.86 4.46 5.94
C ASP B 201 -15.57 4.22 4.45
N GLU B 202 -14.29 4.28 4.08
N GLU B 202 -14.30 4.30 4.09
CA GLU B 202 -13.88 4.02 2.71
CA GLU B 202 -13.86 4.01 2.72
C GLU B 202 -13.91 2.52 2.38
C GLU B 202 -14.04 2.53 2.43
N ILE B 203 -13.62 1.68 3.36
CA ILE B 203 -13.79 0.23 3.21
C ILE B 203 -15.28 -0.07 2.98
N ALA B 204 -16.12 0.53 3.81
CA ALA B 204 -17.56 0.33 3.72
C ALA B 204 -18.12 0.74 2.36
N ARG B 205 -17.77 1.93 1.90
N ARG B 205 -17.74 1.93 1.90
CA ARG B 205 -18.33 2.44 0.64
CA ARG B 205 -18.15 2.43 0.58
C ARG B 205 -17.88 1.59 -0.54
C ARG B 205 -17.73 1.46 -0.51
N ARG B 206 -16.66 1.08 -0.46
N ARG B 206 -16.45 1.12 -0.53
CA ARG B 206 -16.10 0.31 -1.56
CA ARG B 206 -15.93 0.22 -1.56
C ARG B 206 -16.59 -1.14 -1.60
C ARG B 206 -16.73 -1.08 -1.62
N LEU B 207 -17.06 -1.65 -0.46
CA LEU B 207 -17.66 -2.98 -0.40
C LEU B 207 -19.19 -2.95 -0.44
N GLY B 208 -19.80 -1.76 -0.42
CA GLY B 208 -21.27 -1.66 -0.37
C GLY B 208 -21.83 -2.17 0.94
N LEU B 209 -21.10 -1.92 2.02
CA LEU B 209 -21.48 -2.32 3.35
C LEU B 209 -21.66 -1.07 4.19
N SER B 210 -22.34 -1.22 5.32
CA SER B 210 -22.38 -0.16 6.32
C SER B 210 -21.07 -0.13 7.10
N VAL B 211 -20.83 0.99 7.76
CA VAL B 211 -19.67 1.12 8.61
C VAL B 211 -19.74 0.09 9.76
N SER B 212 -20.93 -0.06 10.33
N SER B 212 -20.91 -0.11 10.34
CA SER B 212 -21.20 -1.08 11.34
CA SER B 212 -21.04 -1.07 11.44
C SER B 212 -20.81 -2.48 10.83
C SER B 212 -20.78 -2.50 10.98
N GLU B 213 -21.21 -2.80 9.61
N GLU B 213 -21.07 -2.80 9.72
CA GLU B 213 -20.85 -4.09 9.00
CA GLU B 213 -20.80 -4.12 9.13
C GLU B 213 -19.33 -4.28 8.93
C GLU B 213 -19.31 -4.33 8.83
N VAL B 214 -18.61 -3.25 8.52
CA VAL B 214 -17.15 -3.35 8.36
C VAL B 214 -16.47 -3.53 9.71
N GLU B 215 -16.98 -2.86 10.72
CA GLU B 215 -16.32 -2.83 12.01
C GLU B 215 -16.62 -4.06 12.84
N GLY B 216 -17.90 -4.38 12.99
CA GLY B 216 -18.29 -5.43 13.91
C GLY B 216 -18.13 -4.99 15.36
N GLU B 217 -18.52 -5.89 16.26
N GLU B 217 -18.57 -5.82 16.30
CA GLU B 217 -18.31 -5.69 17.69
CA GLU B 217 -18.33 -5.53 17.71
C GLU B 217 -16.85 -5.98 18.03
C GLU B 217 -16.90 -5.97 18.05
N LYS B 218 -16.38 -5.37 19.11
CA LYS B 218 -15.03 -5.64 19.58
C LYS B 218 -15.04 -6.89 20.44
N ASP B 219 -15.37 -8.02 19.80
CA ASP B 219 -15.46 -9.30 20.44
C ASP B 219 -15.33 -10.37 19.35
N PRO B 220 -14.69 -11.51 19.66
CA PRO B 220 -14.49 -12.52 18.62
C PRO B 220 -15.75 -13.13 17.99
N GLU B 221 -16.88 -13.09 18.70
N GLU B 221 -16.88 -13.11 18.69
CA GLU B 221 -18.11 -13.74 18.22
CA GLU B 221 -18.09 -13.77 18.17
C GLU B 221 -18.92 -12.90 17.23
C GLU B 221 -18.77 -12.99 17.06
N SER B 222 -18.42 -11.71 16.90
CA SER B 222 -19.04 -10.85 15.90
C SER B 222 -18.34 -11.04 14.56
N SER B 223 -18.63 -10.15 13.62
CA SER B 223 -18.06 -10.19 12.29
C SER B 223 -17.63 -8.79 11.84
N GLY B 224 -16.37 -8.65 11.42
CA GLY B 224 -15.86 -7.35 11.02
C GLY B 224 -14.41 -7.21 11.43
N ILE B 225 -13.80 -6.09 11.10
CA ILE B 225 -12.36 -5.95 11.39
C ILE B 225 -12.07 -5.89 12.90
N TYR B 226 -12.92 -5.24 13.69
CA TYR B 226 -12.71 -5.28 15.13
C TYR B 226 -12.87 -6.70 15.66
N SER B 227 -13.82 -7.44 15.10
CA SER B 227 -14.14 -8.77 15.58
C SER B 227 -13.01 -9.72 15.24
N LEU B 228 -12.50 -9.62 14.02
CA LEU B 228 -11.36 -10.42 13.61
C LEU B 228 -10.13 -10.14 14.48
N TRP B 229 -9.82 -8.88 14.70
CA TRP B 229 -8.67 -8.58 15.54
C TRP B 229 -8.87 -9.07 16.97
N SER B 230 -10.08 -8.95 17.49
CA SER B 230 -10.36 -9.45 18.83
C SER B 230 -10.13 -10.96 18.88
N ARG B 231 -10.56 -11.65 17.84
CA ARG B 231 -10.42 -13.10 17.73
C ARG B 231 -8.94 -13.48 17.77
N VAL B 232 -8.11 -12.71 17.09
CA VAL B 232 -6.65 -12.93 17.11
C VAL B 232 -6.05 -12.59 18.49
N VAL B 233 -6.35 -11.40 18.97
CA VAL B 233 -5.68 -10.87 20.15
C VAL B 233 -5.99 -11.68 21.42
N VAL B 234 -7.22 -12.15 21.60
CA VAL B 234 -7.51 -12.96 22.78
C VAL B 234 -6.74 -14.30 22.78
N ASN B 235 -6.23 -14.76 21.63
N ASN B 235 -6.24 -14.72 21.61
CA ASN B 235 -5.39 -15.98 21.61
CA ASN B 235 -5.42 -15.94 21.47
C ASN B 235 -3.90 -15.72 21.82
C ASN B 235 -3.96 -15.73 21.89
N ILE B 236 -3.53 -14.46 21.96
CA ILE B 236 -2.15 -14.13 22.30
C ILE B 236 -2.03 -14.10 23.82
N GLU B 237 -1.30 -15.05 24.39
CA GLU B 237 -1.13 -15.10 25.84
C GLU B 237 -0.57 -13.78 26.36
N TYR B 238 -1.02 -13.35 27.52
CA TYR B 238 -0.55 -12.11 28.12
C TYR B 238 0.90 -12.28 28.54
N ASP B 239 1.75 -11.33 28.16
CA ASP B 239 3.16 -11.35 28.48
C ASP B 239 3.46 -10.28 29.53
N GLU B 240 3.38 -10.67 30.81
N GLU B 240 3.30 -10.64 30.80
CA GLU B 240 3.66 -9.73 31.91
CA GLU B 240 3.42 -9.66 31.87
C GLU B 240 5.10 -9.24 31.88
C GLU B 240 4.86 -9.15 32.00
N ARG B 241 6.04 -10.09 31.48
N ARG B 241 5.83 -9.95 31.57
CA ARG B 241 7.42 -9.67 31.43
CA ARG B 241 7.22 -9.50 31.58
C ARG B 241 7.55 -8.41 30.58
C ARG B 241 7.46 -8.34 30.61
N THR B 242 6.99 -8.46 29.37
CA THR B 242 7.11 -7.36 28.43
C THR B 242 6.24 -6.17 28.87
N ALA B 243 5.07 -6.44 29.44
CA ALA B 243 4.28 -5.37 30.02
C ALA B 243 5.08 -4.59 31.06
N LYS B 244 5.80 -5.29 31.93
CA LYS B 244 6.60 -4.60 32.94
C LYS B 244 7.71 -3.75 32.33
N ARG B 245 8.33 -4.21 31.25
CA ARG B 245 9.36 -3.43 30.57
C ARG B 245 8.75 -2.16 30.02
N HIS B 246 7.57 -2.26 29.41
CA HIS B 246 6.90 -1.10 28.84
C HIS B 246 6.50 -0.10 29.94
N VAL B 247 5.95 -0.59 31.04
CA VAL B 247 5.57 0.26 32.14
C VAL B 247 6.77 0.98 32.78
N LYS B 248 7.91 0.30 32.94
N LYS B 248 7.86 0.24 32.92
CA LYS B 248 9.06 0.95 33.59
CA LYS B 248 9.11 0.74 33.49
C LYS B 248 9.78 1.96 32.68
C LYS B 248 9.65 1.93 32.71
N ARG B 249 9.56 1.87 31.38
CA ARG B 249 10.21 2.81 30.48
C ARG B 249 9.39 4.03 30.12
N ARG B 250 8.08 3.89 30.09
CA ARG B 250 7.25 4.90 29.44
C ARG B 250 7.22 6.30 30.08
N ASP B 251 7.31 6.43 31.42
CA ASP B 251 7.19 7.77 32.00
C ASP B 251 8.37 8.65 31.54
N ARG B 252 9.57 8.10 31.55
N ARG B 252 9.57 8.09 31.56
CA ARG B 252 10.72 8.88 31.10
CA ARG B 252 10.75 8.80 31.11
C ARG B 252 10.69 9.10 29.59
C ARG B 252 10.66 9.09 29.61
N LEU B 253 10.21 8.12 28.83
CA LEU B 253 9.97 8.35 27.40
C LEU B 253 9.05 9.54 27.17
N LEU B 254 7.98 9.63 27.94
CA LEU B 254 7.03 10.73 27.79
C LEU B 254 7.67 12.08 28.08
N GLU B 255 8.44 12.17 29.16
N GLU B 255 8.46 12.15 29.15
CA GLU B 255 9.12 13.43 29.48
CA GLU B 255 9.19 13.38 29.45
C GLU B 255 10.09 13.86 28.39
C GLU B 255 10.14 13.75 28.31
N GLU B 256 10.76 12.89 27.78
N GLU B 256 10.87 12.77 27.81
CA GLU B 256 11.71 13.16 26.71
CA GLU B 256 11.75 12.99 26.66
C GLU B 256 11.03 13.43 25.36
C GLU B 256 10.97 13.52 25.45
N LEU B 257 9.80 12.97 25.18
CA LEU B 257 9.03 13.43 24.03
C LEU B 257 8.68 14.90 24.18
N TYR B 258 8.40 15.33 25.41
CA TYR B 258 8.13 16.74 25.65
C TYR B 258 9.37 17.62 25.44
N GLU B 259 10.52 17.15 25.91
N GLU B 259 10.53 17.15 25.90
CA GLU B 259 11.76 17.88 25.65
CA GLU B 259 11.77 17.88 25.65
C GLU B 259 11.95 18.05 24.14
C GLU B 259 12.02 18.02 24.14
N HIS B 260 11.74 16.96 23.40
CA HIS B 260 11.87 17.00 21.94
C HIS B 260 10.89 17.99 21.31
N LEU B 261 9.64 17.87 21.69
CA LEU B 261 8.62 18.81 21.21
C LEU B 261 9.03 20.27 21.39
N GLU B 262 9.53 20.60 22.58
CA GLU B 262 9.82 22.00 22.91
C GLU B 262 10.89 22.55 21.95
N GLU B 263 11.98 21.80 21.78
N GLU B 263 11.98 21.82 21.76
CA GLU B 263 13.09 22.21 20.91
CA GLU B 263 13.06 22.27 20.90
C GLU B 263 12.68 22.21 19.44
C GLU B 263 12.69 22.21 19.42
N LEU B 264 12.01 21.15 19.00
CA LEU B 264 11.60 21.02 17.61
C LEU B 264 10.63 22.15 17.24
N SER B 265 9.76 22.54 18.17
CA SER B 265 8.77 23.59 17.86
C SER B 265 9.42 24.93 17.49
N GLU B 266 10.65 25.17 17.93
CA GLU B 266 11.38 26.37 17.52
C GLU B 266 11.73 26.41 16.01
N ARG B 267 11.65 25.27 15.34
N ARG B 267 11.68 25.25 15.35
CA ARG B 267 11.90 25.20 13.89
CA ARG B 267 11.84 25.14 13.89
C ARG B 267 10.71 25.75 13.09
C ARG B 267 10.74 25.89 13.14
N TYR B 268 9.58 25.99 13.76
CA TYR B 268 8.36 26.45 13.09
C TYR B 268 7.68 27.65 13.77
N LEU B 269 7.93 27.83 15.07
CA LEU B 269 7.32 28.89 15.87
C LEU B 269 8.39 29.83 16.40
N PRO B 272 7.71 28.70 21.48
CA PRO B 272 7.85 27.24 21.42
C PRO B 272 6.87 26.51 22.33
N LEU B 273 6.58 25.27 21.97
CA LEU B 273 5.50 24.53 22.58
C LEU B 273 6.02 23.83 23.82
N THR B 274 5.97 24.56 24.92
CA THR B 274 6.29 24.00 26.20
C THR B 274 5.05 23.35 26.78
N ARG B 275 5.28 22.52 27.78
CA ARG B 275 4.19 21.90 28.48
C ARG B 275 3.21 22.95 29.06
N ARG B 276 3.74 24.04 29.60
CA ARG B 276 2.88 25.14 30.10
C ARG B 276 2.02 25.79 29.00
N TRP B 277 2.61 26.07 27.85
CA TRP B 277 1.87 26.62 26.72
C TRP B 277 0.72 25.73 26.32
N ILE B 278 1.01 24.43 26.25
CA ILE B 278 0.06 23.46 25.80
C ILE B 278 -1.10 23.43 26.79
N VAL B 279 -0.77 23.35 28.07
CA VAL B 279 -1.79 23.32 29.10
C VAL B 279 -2.63 24.61 29.08
N GLU B 280 -1.97 25.76 28.87
CA GLU B 280 -2.66 27.04 28.78
C GLU B 280 -3.48 27.25 27.49
N HIS B 281 -3.12 26.57 26.39
CA HIS B 281 -3.79 26.78 25.09
C HIS B 281 -4.57 25.54 24.59
N LYS B 282 -5.10 24.78 25.53
CA LYS B 282 -5.69 23.48 25.25
C LYS B 282 -6.87 23.46 24.28
N ARG B 283 -7.78 24.44 24.36
N ARG B 283 -7.64 24.55 24.31
CA ARG B 283 -9.03 24.38 23.57
CA ARG B 283 -8.70 24.79 23.32
C ARG B 283 -8.75 24.53 22.08
C ARG B 283 -8.12 25.31 22.02
N ASP B 284 -7.84 25.45 21.77
N ASP B 284 -7.02 26.07 22.09
CA ASP B 284 -7.39 25.67 20.41
CA ASP B 284 -6.39 26.58 20.87
C ASP B 284 -6.87 24.36 19.82
C ASP B 284 -5.77 25.43 20.07
N ILE B 285 -5.95 23.70 20.53
N ILE B 285 -5.12 24.53 20.77
CA ILE B 285 -5.31 22.52 19.94
CA ILE B 285 -4.50 23.38 20.12
C ILE B 285 -6.28 21.32 19.83
C ILE B 285 -5.56 22.36 19.70
N MET B 286 -7.26 21.23 20.71
N MET B 286 -6.46 22.01 20.61
CA MET B 286 -8.28 20.18 20.62
CA MET B 286 -7.52 21.06 20.30
C MET B 286 -9.07 20.32 19.34
C MET B 286 -8.31 21.49 19.06
N ARG B 287 -9.32 21.56 18.94
N ARG B 287 -8.34 22.79 18.80
CA ARG B 287 -10.19 21.83 17.81
CA ARG B 287 -9.23 23.27 17.74
C ARG B 287 -9.43 21.97 16.51
C ARG B 287 -8.57 23.48 16.39
N ARG B 288 -8.18 22.39 16.56
N ARG B 288 -7.27 23.71 16.39
CA ARG B 288 -7.49 22.71 15.31
CA ARG B 288 -6.55 23.65 15.13
C ARG B 288 -7.37 21.51 14.39
C ARG B 288 -6.68 22.22 14.62
N TYR B 289 -7.03 20.34 14.93
N TYR B 289 -6.61 21.27 15.55
CA TYR B 289 -6.76 19.20 14.05
CA TYR B 289 -6.65 19.85 15.20
C TYR B 289 -8.04 18.68 13.42
C TYR B 289 -8.01 19.44 14.64
N LEU B 290 -9.17 19.04 14.01
N LEU B 290 -9.09 19.92 15.25
CA LEU B 290 -10.47 18.63 13.47
CA LEU B 290 -10.39 19.54 14.75
C LEU B 290 -10.82 19.42 12.23
C LEU B 290 -10.79 20.32 13.50
N GLU B 291 -10.24 20.61 12.05
N GLU B 291 -10.32 21.57 13.37
CA GLU B 291 -10.67 21.49 10.97
CA GLU B 291 -10.63 22.36 12.17
C GLU B 291 -10.57 20.82 9.61
C GLU B 291 -10.20 21.58 10.94
N GLN B 292 -9.42 20.25 9.31
N GLN B 292 -8.96 21.12 10.96
CA GLN B 292 -9.24 19.54 8.04
CA GLN B 292 -8.41 20.33 9.88
C GLN B 292 -10.18 18.35 7.93
C GLN B 292 -9.31 19.12 9.61
N ARG B 293 -10.42 17.67 9.04
N ARG B 293 -9.62 18.40 10.67
CA ARG B 293 -11.35 16.54 9.02
CA ARG B 293 -10.47 17.21 10.62
C ARG B 293 -12.74 17.02 8.68
C ARG B 293 -11.85 17.54 10.05
N ILE B 294 -13.12 18.15 9.27
N ILE B 294 -12.43 18.63 10.52
CA ILE B 294 -14.45 18.71 9.05
CA ILE B 294 -13.76 19.05 10.08
C ILE B 294 -14.59 19.15 7.58
C ILE B 294 -13.78 19.33 8.57
N VAL B 295 -13.58 19.84 7.06
N VAL B 295 -12.79 20.05 8.09
CA VAL B 295 -13.61 20.25 5.66
CA VAL B 295 -12.72 20.39 6.67
C VAL B 295 -13.80 19.04 4.73
C VAL B 295 -12.58 19.13 5.81
N GLU B 296 -13.00 18.01 4.92
N GLU B 296 -11.65 18.27 6.19
CA GLU B 296 -13.03 16.87 4.03
CA GLU B 296 -11.42 17.01 5.48
C GLU B 296 -14.34 16.08 4.22
C GLU B 296 -12.73 16.23 5.42
N CYS B 297 -14.81 16.01 5.45
N CYS B 297 -13.38 16.12 6.57
CA CYS B 297 -16.05 15.31 5.75
CA CYS B 297 -14.65 15.40 6.70
C CYS B 297 -17.23 15.98 5.04
C CYS B 297 -15.75 15.99 5.81
N ALA B 298 -17.31 17.31 5.15
N ALA B 298 -15.88 17.32 5.84
CA ALA B 298 -18.39 18.08 4.52
CA ALA B 298 -16.90 18.01 5.06
C ALA B 298 -18.42 17.81 3.02
C ALA B 298 -16.68 17.82 3.57
N LEU B 299 -17.26 17.87 2.38
N LEU B 299 -15.44 17.87 3.13
CA LEU B 299 -17.18 17.68 0.94
CA LEU B 299 -15.13 17.63 1.73
C LEU B 299 -17.54 16.25 0.56
C LEU B 299 -15.47 16.19 1.33
N LYS B 300 -17.12 15.28 1.35
N LYS B 300 -15.15 15.24 2.19
CA LYS B 300 -17.42 13.88 1.05
CA LYS B 300 -15.38 13.84 1.86
C LYS B 300 -18.91 13.62 1.20
C LYS B 300 -16.87 13.54 1.81
N LEU B 301 -19.52 14.22 2.21
N LEU B 301 -17.63 14.17 2.69
CA LEU B 301 -20.96 14.06 2.42
CA LEU B 301 -19.07 13.92 2.77
C LEU B 301 -21.72 14.63 1.24
C LEU B 301 -19.76 14.42 1.52
N GLN B 302 -21.24 15.74 0.70
N GLN B 302 -19.27 15.53 0.98
CA GLN B 302 -21.83 16.32 -0.50
CA GLN B 302 -19.83 16.07 -0.26
C GLN B 302 -21.57 15.47 -1.75
C GLN B 302 -19.54 15.18 -1.45
N ASP B 303 -20.30 15.17 -2.01
N ASP B 303 -18.29 14.77 -1.61
CA ASP B 303 -19.87 14.49 -3.23
CA ASP B 303 -17.91 14.13 -2.85
C ASP B 303 -20.32 13.04 -3.31
C ASP B 303 -18.17 12.62 -2.86
N ARG B 304 -20.24 12.31 -2.20
N ARG B 304 -18.12 11.99 -1.70
CA ARG B 304 -20.44 10.87 -2.23
CA ARG B 304 -18.30 10.55 -1.60
C ARG B 304 -21.79 10.42 -1.65
C ARG B 304 -19.74 10.18 -1.26
N TYR B 305 -22.43 11.29 -0.87
N TYR B 305 -20.44 11.10 -0.61
CA TYR B 305 -23.69 10.91 -0.23
CA TYR B 305 -21.78 10.81 -0.11
C TYR B 305 -24.86 11.80 -0.66
C TYR B 305 -22.83 11.81 -0.59
N GLY B 306 -24.57 12.82 -1.46
N GLY B 306 -22.36 12.96 -1.08
CA GLY B 306 -25.59 13.69 -2.03
CA GLY B 306 -23.20 13.97 -1.77
C GLY B 306 -26.26 14.66 -1.05
C GLY B 306 -24.37 14.63 -1.03
N ILE B 307 -25.67 14.83 0.12
N ILE B 307 -24.18 15.04 0.22
CA ILE B 307 -26.27 15.66 1.16
CA ILE B 307 -25.29 15.63 1.02
C ILE B 307 -26.06 17.16 0.86
C ILE B 307 -25.42 17.15 0.79
N ARG B 308 -27.11 17.97 1.06
N ARG B 308 -26.61 17.73 0.97
CA ARG B 308 -27.04 19.40 0.74
CA ARG B 308 -26.74 19.20 0.84
C ARG B 308 -25.96 20.08 1.53
C ARG B 308 -25.59 19.86 1.56
N GLU B 309 -25.30 21.04 0.88
N GLU B 309 -24.90 20.77 0.87
CA GLU B 309 -24.08 21.67 1.43
CA GLU B 309 -23.67 21.38 1.37
C GLU B 309 -24.18 22.09 2.88
C GLU B 309 -23.68 21.71 2.87
N ASP B 310 -25.25 22.77 3.25
N ASP B 310 -24.25 22.85 3.21
CA ASP B 310 -25.31 23.33 4.60
CA ASP B 310 -24.32 23.26 4.62
C ASP B 310 -25.54 22.22 5.61
C ASP B 310 -24.39 22.06 5.58
N VAL B 311 -26.34 21.24 5.24
N VAL B 311 -25.02 20.97 5.16
CA VAL B 311 -26.58 20.09 6.12
CA VAL B 311 -25.24 19.79 6.02
C VAL B 311 -25.28 19.31 6.26
C VAL B 311 -23.95 19.03 6.30
N ALA B 312 -24.55 19.19 5.16
N ALA B 312 -23.15 18.81 5.26
CA ALA B 312 -23.30 18.44 5.16
CA ALA B 312 -21.85 18.21 5.43
C ALA B 312 -22.29 19.07 6.10
C ALA B 312 -21.11 19.02 6.47
N LEU B 313 -22.14 20.40 6.07
N LEU B 313 -21.21 20.34 6.36
CA LEU B 313 -21.10 20.99 6.95
CA LEU B 313 -20.67 21.21 7.36
C LEU B 313 -21.46 20.93 8.46
C LEU B 313 -21.40 21.04 8.69
N CYS B 314 -22.74 21.08 8.73
CA CYS B 314 -23.36 20.96 10.06
C CYS B 314 -23.01 19.60 10.67
N LEU B 315 -23.25 18.54 9.89
CA LEU B 315 -22.95 17.19 10.36
C LEU B 315 -21.45 17.04 10.64
N ALA B 316 -20.62 17.53 9.72
CA ALA B 316 -19.19 17.43 9.93
C ALA B 316 -18.72 18.11 11.21
N ARG B 317 -19.23 19.31 11.47
N ARG B 317 -19.25 19.29 11.48
CA ARG B 317 -18.86 20.03 12.68
CA ARG B 317 -18.87 20.04 12.67
C ARG B 317 -19.32 19.28 13.93
C ARG B 317 -19.37 19.40 13.97
N ALA B 318 -20.57 18.85 13.93
CA ALA B 318 -21.18 18.26 15.13
C ALA B 318 -20.58 16.92 15.53
N PHE B 319 -20.00 16.20 14.57
CA PHE B 319 -19.47 14.84 14.82
C PHE B 319 -17.99 14.78 14.52
N ASP B 320 -17.37 15.95 14.70
CA ASP B 320 -15.93 16.10 14.66
C ASP B 320 -15.25 15.55 13.42
N GLY B 321 -15.88 15.77 12.26
N GLY B 321 -15.90 15.75 12.27
CA GLY B 321 -15.33 15.34 10.99
CA GLY B 321 -15.33 15.36 10.98
C GLY B 321 -15.06 13.86 10.95
C GLY B 321 -15.30 13.88 10.70
N SER B 322 -15.97 13.08 11.54
CA SER B 322 -15.91 11.59 11.47
C SER B 322 -17.12 11.04 10.75
N ILE B 323 -16.91 10.59 9.51
CA ILE B 323 -17.94 9.92 8.75
C ILE B 323 -18.39 8.64 9.47
N SER B 324 -17.44 7.90 10.04
N SER B 324 -17.44 7.90 10.03
CA SER B 324 -17.76 6.68 10.79
CA SER B 324 -17.80 6.68 10.77
C SER B 324 -18.67 6.95 11.97
C SER B 324 -18.76 7.01 11.91
N MET B 325 -18.48 8.10 12.64
CA MET B 325 -19.35 8.51 13.74
C MET B 325 -20.73 8.84 13.20
N ILE B 326 -20.80 9.67 12.17
CA ILE B 326 -22.07 10.00 11.57
C ILE B 326 -22.80 8.74 11.11
N ALA B 327 -22.06 7.84 10.47
CA ALA B 327 -22.60 6.63 9.86
C ALA B 327 -23.11 5.61 10.86
N THR B 328 -22.80 5.82 12.13
CA THR B 328 -23.22 4.91 13.21
C THR B 328 -24.02 5.65 14.30
N THR B 329 -24.55 6.84 13.97
CA THR B 329 -25.34 7.67 14.88
C THR B 329 -26.83 7.56 14.52
N PRO B 330 -27.71 7.51 15.54
CA PRO B 330 -29.14 7.46 15.24
C PRO B 330 -29.64 8.71 14.53
N TYR B 331 -30.70 8.54 13.74
CA TYR B 331 -31.33 9.65 13.04
C TYR B 331 -31.70 10.79 13.97
N ARG B 332 -32.31 10.46 15.11
CA ARG B 332 -32.77 11.50 16.02
C ARG B 332 -31.59 12.35 16.53
N THR B 333 -30.47 11.73 16.82
CA THR B 333 -29.29 12.47 17.28
C THR B 333 -28.76 13.39 16.16
N LEU B 334 -28.70 12.88 14.93
CA LEU B 334 -28.29 13.69 13.79
C LEU B 334 -29.24 14.90 13.60
N LYS B 335 -30.55 14.64 13.63
N LYS B 335 -30.54 14.62 13.66
CA LYS B 335 -31.55 15.68 13.43
CA LYS B 335 -31.59 15.63 13.43
C LYS B 335 -31.61 16.68 14.57
C LYS B 335 -31.68 16.63 14.58
N ASP B 336 -31.26 16.23 15.77
CA ASP B 336 -31.32 17.11 16.95
C ASP B 336 -30.20 18.14 16.96
N VAL B 337 -29.18 17.97 16.12
CA VAL B 337 -28.12 18.99 15.98
C VAL B 337 -28.13 19.70 14.62
N CYS B 338 -28.59 19.02 13.57
CA CYS B 338 -28.62 19.62 12.24
C CYS B 338 -30.06 19.78 11.75
N PRO B 339 -30.59 21.02 11.72
N PRO B 339 -30.62 20.99 11.84
CA PRO B 339 -32.02 21.31 11.53
CA PRO B 339 -31.98 21.12 11.33
C PRO B 339 -32.74 20.82 10.25
C PRO B 339 -31.97 20.95 9.81
N ASP B 340 -32.14 21.02 9.08
N ASP B 340 -33.14 20.78 9.23
CA ASP B 340 -32.83 20.73 7.81
CA ASP B 340 -33.18 20.62 7.78
C ASP B 340 -32.41 19.41 7.18
C ASP B 340 -32.83 19.19 7.32
N LEU B 341 -31.89 18.50 7.99
CA LEU B 341 -31.50 17.16 7.58
C LEU B 341 -32.76 16.36 7.30
N THR B 342 -32.80 15.66 6.17
CA THR B 342 -33.91 14.79 5.83
C THR B 342 -33.56 13.34 6.16
N LEU B 343 -34.59 12.52 6.29
CA LEU B 343 -34.42 11.09 6.50
C LEU B 343 -33.62 10.47 5.34
N GLU B 344 -33.92 10.90 4.11
CA GLU B 344 -33.20 10.39 2.95
C GLU B 344 -31.70 10.66 3.06
N GLU B 345 -31.33 11.86 3.48
CA GLU B 345 -29.92 12.20 3.67
C GLU B 345 -29.27 11.34 4.78
N ALA B 346 -29.98 11.18 5.89
CA ALA B 346 -29.48 10.36 6.99
C ALA B 346 -29.26 8.91 6.54
N LYS B 347 -30.23 8.35 5.80
CA LYS B 347 -30.10 7.00 5.26
C LYS B 347 -28.93 6.84 4.29
N SER B 348 -28.62 7.92 3.57
CA SER B 348 -27.55 7.88 2.60
C SER B 348 -26.21 7.58 3.27
N VAL B 349 -25.94 8.23 4.41
CA VAL B 349 -24.67 8.04 5.11
C VAL B 349 -24.72 6.91 6.17
N ASN B 350 -25.84 6.79 6.87
CA ASN B 350 -26.02 5.70 7.83
C ASN B 350 -26.77 4.57 7.15
N ARG B 351 -26.03 3.64 6.58
CA ARG B 351 -26.60 2.55 5.83
C ARG B 351 -27.33 1.54 6.73
N THR B 352 -26.94 1.46 8.00
CA THR B 352 -27.69 0.65 8.96
C THR B 352 -29.12 1.19 9.10
N LEU B 353 -29.25 2.51 9.26
CA LEU B 353 -30.57 3.16 9.30
C LEU B 353 -31.37 2.84 8.04
N ALA B 354 -30.70 2.92 6.89
CA ALA B 354 -31.34 2.63 5.60
C ALA B 354 -31.89 1.21 5.56
N THR B 355 -31.05 0.24 5.94
CA THR B 355 -31.43 -1.17 5.93
C THR B 355 -32.58 -1.47 6.89
N LEU B 356 -32.46 -1.00 8.13
CA LEU B 356 -33.50 -1.20 9.13
C LEU B 356 -34.85 -0.65 8.68
N ILE B 357 -34.85 0.52 8.07
CA ILE B 357 -36.10 1.14 7.61
C ILE B 357 -36.58 0.52 6.28
N ASP B 358 -35.72 0.55 5.27
CA ASP B 358 -36.12 0.17 3.90
C ASP B 358 -36.32 -1.32 3.69
N GLU B 359 -35.43 -2.13 4.28
N GLU B 359 -35.47 -2.16 4.28
CA GLU B 359 -35.46 -3.59 4.11
CA GLU B 359 -35.60 -3.60 4.07
C GLU B 359 -36.27 -4.29 5.21
C GLU B 359 -36.17 -4.37 5.26
N HIS B 360 -36.22 -3.75 6.44
CA HIS B 360 -36.90 -4.38 7.58
C HIS B 360 -38.18 -3.69 8.05
N GLY B 361 -38.48 -2.52 7.47
CA GLY B 361 -39.74 -1.83 7.72
C GLY B 361 -39.88 -1.19 9.09
N LEU B 362 -38.76 -0.98 9.79
CA LEU B 362 -38.83 -0.38 11.12
C LEU B 362 -39.09 1.11 11.03
N SER B 363 -39.82 1.64 12.01
CA SER B 363 -39.96 3.08 12.17
C SER B 363 -38.58 3.66 12.51
N PRO B 364 -38.36 4.94 12.17
CA PRO B 364 -37.09 5.54 12.59
C PRO B 364 -36.80 5.41 14.10
N ASP B 365 -37.82 5.55 14.95
CA ASP B 365 -37.62 5.41 16.40
C ASP B 365 -37.15 4.00 16.80
N ALA B 366 -37.76 2.98 16.20
CA ALA B 366 -37.34 1.61 16.43
C ALA B 366 -35.92 1.38 15.92
N ALA B 367 -35.66 1.82 14.70
CA ALA B 367 -34.33 1.68 14.12
C ALA B 367 -33.27 2.36 15.00
N ASP B 368 -33.57 3.57 15.44
CA ASP B 368 -32.64 4.36 16.27
C ASP B 368 -32.29 3.65 17.56
N GLU B 369 -33.27 3.00 18.17
CA GLU B 369 -33.03 2.26 19.42
C GLU B 369 -31.97 1.19 19.20
N LEU B 370 -32.07 0.46 18.10
CA LEU B 370 -31.08 -0.57 17.76
C LEU B 370 -29.71 0.04 17.45
N ILE B 371 -29.70 1.14 16.70
N ILE B 371 -29.69 1.15 16.72
CA ILE B 371 -28.46 1.84 16.37
CA ILE B 371 -28.44 1.82 16.37
C ILE B 371 -27.74 2.22 17.67
C ILE B 371 -27.70 2.35 17.61
N GLU B 372 -28.46 2.88 18.57
CA GLU B 372 -27.88 3.35 19.84
C GLU B 372 -27.36 2.23 20.70
N HIS B 373 -28.18 1.21 20.90
CA HIS B 373 -27.92 0.17 21.88
C HIS B 373 -27.45 -1.12 21.25
P PO4 C . 7.32 -5.67 -23.76
O1 PO4 C . 7.56 -4.98 -22.44
O2 PO4 C . 8.63 -6.34 -24.21
O3 PO4 C . 6.29 -6.72 -23.57
O4 PO4 C . 6.87 -4.69 -24.81
P PO4 D . 20.11 19.47 -28.90
O1 PO4 D . 19.20 18.30 -29.14
O2 PO4 D . 20.63 19.35 -27.49
O3 PO4 D . 21.21 19.43 -29.93
O4 PO4 D . 19.31 20.75 -29.05
P PO4 E . 15.33 0.02 -32.59
O1 PO4 E . 14.09 0.82 -32.24
O2 PO4 E . 15.76 -0.79 -31.39
O3 PO4 E . 15.02 -0.92 -33.73
O4 PO4 E . 16.41 0.97 -33.01
MG MG F . -2.65 -14.06 -26.47
MG MG G . 27.86 19.85 -28.17
CL CL H . 17.71 -2.10 11.60
CL CL I . -1.44 4.07 -7.44
C GAI J . 11.80 -3.90 -27.32
N1 GAI J . 12.67 -3.58 -26.48
N2 GAI J . 12.12 -4.11 -28.58
N3 GAI J . 10.53 -4.05 -26.99
C GAI K . 30.06 -12.25 -26.32
N1 GAI K . 29.13 -13.09 -26.15
N2 GAI K . 30.48 -11.95 -27.56
N3 GAI K . 30.63 -11.65 -25.27
P PO4 L . -13.19 7.77 13.29
P PO4 L . -12.27 8.31 13.47
O1 PO4 L . -14.28 6.72 13.26
O1 PO4 L . -13.59 7.59 13.35
O2 PO4 L . -11.94 7.14 12.79
O2 PO4 L . -11.18 7.57 12.77
O3 PO4 L . -13.54 8.90 12.36
O3 PO4 L . -12.42 9.68 12.83
O4 PO4 L . -12.92 8.29 14.69
O4 PO4 L . -11.99 8.51 14.93
P PO4 M . -5.24 11.04 11.28
O1 PO4 M . -5.44 12.21 12.19
O2 PO4 M . -3.88 10.41 11.55
O3 PO4 M . -6.32 10.03 11.64
O4 PO4 M . -5.36 11.57 9.87
P PO4 N . -8.15 11.19 17.39
O1 PO4 N . -9.24 12.18 17.10
O2 PO4 N . -8.68 9.95 18.06
O3 PO4 N . -7.50 10.78 16.11
O4 PO4 N . -7.20 11.85 18.32
P PO4 O . 5.42 -16.89 12.49
O1 PO4 O . 4.85 -17.34 13.81
O2 PO4 O . 6.91 -16.78 12.64
O3 PO4 O . 5.10 -17.94 11.45
O4 PO4 O . 4.82 -15.58 12.08
MG MG P . -14.38 8.12 9.85
C GAI Q . 9.90 -10.24 7.86
N1 GAI Q . 9.51 -9.06 7.64
N2 GAI Q . 11.18 -10.57 7.69
N3 GAI Q . 9.05 -11.18 8.28
#